data_3PSK
#
_entry.id   3PSK
#
_cell.length_a   78.778
_cell.length_b   105.176
_cell.length_c   119.481
_cell.angle_alpha   90.000
_cell.angle_beta   90.000
_cell.angle_gamma   90.000
#
_symmetry.space_group_name_H-M   'P 21 21 21'
#
loop_
_entity.id
_entity.type
_entity.pdbx_description
1 polymer 'Transcription elongation factor SPT6'
2 non-polymer 'SULFATE ION'
3 water water
#
_entity_poly.entity_id   1
_entity_poly.type   'polypeptide(L)'
_entity_poly.pdbx_seq_one_letter_code
;GIDPFTAKRTHRVINHPYYFPFNGRQAEDYLRSKERGEFVIRQSSRGDDHLVITWKLDKDLFQHIDIQELEKENPLALGK
VLIVDNQKYNDLDQIIVEYLQNKVRLLNEMTSSEKFKSGTKKDVVKFIEDYSRVNPNKSVYYFSLNHDNPGWFYLMFKIN
ANSKLYTWNVKLTNTGYFLVNYNYPSVIQLCNGFKTLLKSNSSKNRMNNYR
;
_entity_poly.pdbx_strand_id   A,B,C,D
#
loop_
_chem_comp.id
_chem_comp.type
_chem_comp.name
_chem_comp.formula
SO4 non-polymer 'SULFATE ION' 'O4 S -2'
#
# COMPACT_ATOMS: atom_id res chain seq x y z
N ILE A 2 37.46 14.55 -5.54
CA ILE A 2 37.09 13.24 -5.02
C ILE A 2 37.17 13.24 -3.50
N ASP A 3 36.13 12.69 -2.88
CA ASP A 3 35.90 12.84 -1.44
C ASP A 3 36.63 11.77 -0.62
N PRO A 4 37.51 12.18 0.31
CA PRO A 4 38.24 11.24 1.16
C PRO A 4 37.40 10.69 2.32
N PHE A 5 36.23 11.26 2.55
CA PHE A 5 35.28 10.69 3.50
C PHE A 5 34.71 9.42 2.89
N THR A 6 35.17 8.26 3.34
CA THR A 6 34.75 6.99 2.76
C THR A 6 34.32 5.98 3.83
N ALA A 7 33.72 4.88 3.40
CA ALA A 7 33.27 3.85 4.32
C ALA A 7 34.46 3.17 4.99
N LYS A 8 35.61 3.21 4.33
CA LYS A 8 36.81 2.55 4.84
C LYS A 8 37.58 3.40 5.83
N ARG A 9 37.65 4.71 5.58
CA ARG A 9 38.45 5.61 6.41
C ARG A 9 37.61 6.22 7.53
N THR A 10 36.41 6.66 7.19
CA THR A 10 35.53 7.34 8.14
C THR A 10 34.19 6.62 8.21
N HIS A 11 34.13 5.55 9.00
CA HIS A 11 32.91 4.76 9.09
C HIS A 11 31.85 5.43 9.95
N ARG A 12 30.63 5.48 9.44
CA ARG A 12 29.48 5.99 10.19
C ARG A 12 28.68 4.82 10.71
N VAL A 13 28.04 5.01 11.85
CA VAL A 13 27.05 4.05 12.34
C VAL A 13 25.68 4.71 12.30
N ILE A 14 24.73 4.06 11.65
CA ILE A 14 23.37 4.56 11.54
C ILE A 14 22.51 3.79 12.53
N ASN A 15 21.68 4.51 13.27
CA ASN A 15 20.87 3.92 14.31
C ASN A 15 19.60 3.28 13.73
N HIS A 16 19.78 2.14 13.08
CA HIS A 16 18.65 1.40 12.51
C HIS A 16 19.00 -0.08 12.57
N PRO A 17 18.02 -0.92 12.94
CA PRO A 17 18.27 -2.36 13.11
C PRO A 17 18.72 -3.07 11.84
N TYR A 18 18.55 -2.45 10.67
CA TYR A 18 18.95 -3.06 9.41
C TYR A 18 20.21 -2.42 8.82
N TYR A 19 20.90 -1.63 9.61
CA TYR A 19 22.15 -1.04 9.17
C TYR A 19 23.28 -2.02 9.45
N PHE A 20 24.13 -2.24 8.45
CA PHE A 20 25.25 -3.17 8.56
C PHE A 20 26.55 -2.45 8.22
N PRO A 21 27.66 -2.91 8.78
CA PRO A 21 28.97 -2.34 8.46
C PRO A 21 29.53 -2.76 7.11
N PHE A 22 28.70 -3.37 6.26
CA PHE A 22 29.15 -3.93 4.98
C PHE A 22 29.43 -2.85 3.93
N ASN A 23 30.37 -3.13 3.04
CA ASN A 23 30.47 -2.36 1.79
C ASN A 23 29.58 -3.05 0.76
N GLY A 24 29.66 -2.60 -0.50
CA GLY A 24 28.78 -3.11 -1.54
C GLY A 24 28.94 -4.60 -1.79
N ARG A 25 30.19 -5.03 -1.96
CA ARG A 25 30.48 -6.44 -2.22
C ARG A 25 30.06 -7.33 -1.05
N GLN A 26 30.36 -6.88 0.16
CA GLN A 26 30.03 -7.65 1.36
C GLN A 26 28.52 -7.74 1.53
N ALA A 27 27.81 -6.69 1.11
CA ALA A 27 26.36 -6.68 1.19
C ALA A 27 25.78 -7.71 0.23
N GLU A 28 26.31 -7.75 -0.98
CA GLU A 28 25.87 -8.72 -1.98
C GLU A 28 26.11 -10.15 -1.51
N ASP A 29 27.30 -10.38 -0.95
CA ASP A 29 27.68 -11.71 -0.49
C ASP A 29 26.76 -12.17 0.64
N TYR A 30 26.45 -11.26 1.55
CA TYR A 30 25.53 -11.55 2.63
C TYR A 30 24.14 -11.90 2.09
N LEU A 31 23.70 -11.18 1.06
CA LEU A 31 22.38 -11.38 0.51
C LEU A 31 22.26 -12.61 -0.39
N ARG A 32 23.41 -13.18 -0.79
CA ARG A 32 23.40 -14.36 -1.64
C ARG A 32 22.65 -15.53 -1.00
N SER A 33 22.68 -15.62 0.32
CA SER A 33 22.01 -16.71 1.03
C SER A 33 20.62 -16.29 1.50
N LYS A 34 20.12 -15.16 0.99
CA LYS A 34 18.82 -14.64 1.41
C LYS A 34 17.81 -14.69 0.26
N GLU A 35 16.61 -14.18 0.51
CA GLU A 35 15.54 -14.25 -0.47
C GLU A 35 15.29 -12.90 -1.12
N ARG A 36 14.53 -12.91 -2.21
CA ARG A 36 14.16 -11.68 -2.89
C ARG A 36 13.58 -10.68 -1.90
N GLY A 37 14.01 -9.43 -1.99
CA GLY A 37 13.43 -8.36 -1.20
C GLY A 37 14.20 -8.11 0.08
N GLU A 38 15.00 -9.06 0.51
CA GLU A 38 15.82 -8.88 1.69
C GLU A 38 16.90 -7.88 1.34
N PHE A 39 17.35 -7.12 2.35
CA PHE A 39 18.15 -5.94 2.09
C PHE A 39 19.02 -5.58 3.29
N VAL A 40 20.02 -4.75 3.05
CA VAL A 40 20.79 -4.14 4.12
C VAL A 40 20.91 -2.65 3.84
N ILE A 41 20.89 -1.84 4.89
CA ILE A 41 21.23 -0.43 4.79
C ILE A 41 22.70 -0.33 5.11
N ARG A 42 23.44 0.46 4.35
CA ARG A 42 24.88 0.57 4.56
C ARG A 42 25.37 1.95 4.17
N GLN A 43 26.58 2.28 4.59
CA GLN A 43 27.22 3.51 4.19
C GLN A 43 27.62 3.45 2.71
N SER A 44 27.60 4.60 2.05
CA SER A 44 28.08 4.69 0.67
C SER A 44 29.60 4.71 0.68
N SER A 45 30.22 4.23 -0.40
CA SER A 45 31.67 4.14 -0.48
C SER A 45 32.31 5.51 -0.23
N ARG A 46 31.63 6.57 -0.66
CA ARG A 46 32.16 7.93 -0.51
C ARG A 46 31.06 8.93 -0.19
N GLY A 47 31.41 9.96 0.59
CA GLY A 47 30.46 11.00 0.96
C GLY A 47 29.94 10.80 2.37
N ASP A 48 29.77 11.89 3.11
CA ASP A 48 29.19 11.80 4.45
C ASP A 48 27.68 11.94 4.38
N ASP A 49 27.16 12.12 3.17
CA ASP A 49 25.75 12.44 2.98
C ASP A 49 25.07 11.45 2.03
N HIS A 50 25.59 10.24 1.97
CA HIS A 50 25.00 9.21 1.11
C HIS A 50 24.95 7.86 1.83
N LEU A 51 23.79 7.21 1.73
CA LEU A 51 23.63 5.85 2.21
C LEU A 51 23.14 5.01 1.05
N VAL A 52 23.13 3.69 1.24
CA VAL A 52 22.69 2.80 0.19
C VAL A 52 21.84 1.70 0.80
N ILE A 53 20.78 1.32 0.10
CA ILE A 53 20.06 0.11 0.45
C ILE A 53 20.38 -0.90 -0.63
N THR A 54 21.06 -1.97 -0.26
CA THR A 54 21.35 -3.05 -1.19
C THR A 54 20.30 -4.13 -1.00
N TRP A 55 19.62 -4.51 -2.08
CA TRP A 55 18.59 -5.54 -1.97
C TRP A 55 18.69 -6.56 -3.09
N LYS A 56 18.09 -7.73 -2.85
CA LYS A 56 18.20 -8.84 -3.77
C LYS A 56 16.97 -8.93 -4.67
N LEU A 57 17.18 -8.89 -5.98
CA LEU A 57 16.09 -9.10 -6.93
C LEU A 57 15.94 -10.56 -7.25
N ASP A 58 17.06 -11.24 -7.47
CA ASP A 58 17.03 -12.64 -7.88
C ASP A 58 18.40 -13.25 -7.65
N LYS A 59 18.57 -14.49 -8.09
CA LYS A 59 19.85 -15.16 -7.97
C LYS A 59 20.93 -14.32 -8.64
N ASP A 60 21.97 -13.99 -7.89
CA ASP A 60 23.09 -13.20 -8.39
C ASP A 60 22.67 -11.88 -9.01
N LEU A 61 21.55 -11.33 -8.53
CA LEU A 61 21.05 -10.06 -9.07
C LEU A 61 20.68 -9.14 -7.91
N PHE A 62 21.47 -8.09 -7.72
CA PHE A 62 21.25 -7.16 -6.62
C PHE A 62 21.23 -5.72 -7.11
N GLN A 63 20.50 -4.86 -6.40
CA GLN A 63 20.48 -3.45 -6.74
C GLN A 63 20.91 -2.62 -5.56
N HIS A 64 21.64 -1.55 -5.84
CA HIS A 64 22.13 -0.66 -4.81
C HIS A 64 21.43 0.69 -4.93
N ILE A 65 20.48 0.93 -4.03
CA ILE A 65 19.68 2.14 -4.05
C ILE A 65 20.42 3.28 -3.36
N ASP A 66 20.67 4.35 -4.10
CA ASP A 66 21.35 5.51 -3.56
C ASP A 66 20.38 6.40 -2.77
N ILE A 67 20.79 6.77 -1.56
CA ILE A 67 20.01 7.66 -0.72
C ILE A 67 20.83 8.90 -0.43
N GLN A 68 20.31 10.06 -0.83
CA GLN A 68 20.96 11.33 -0.56
C GLN A 68 20.40 11.94 0.71
N GLU A 69 21.27 12.33 1.63
CA GLU A 69 20.85 12.93 2.90
C GLU A 69 20.91 14.44 2.86
N LEU A 70 19.83 15.09 3.29
CA LEU A 70 19.79 16.54 3.37
C LEU A 70 19.44 16.92 4.81
N GLU A 71 19.69 18.17 5.18
CA GLU A 71 19.38 18.64 6.52
C GLU A 71 19.99 17.72 7.57
N LYS A 72 21.31 17.51 7.45
CA LYS A 72 22.07 16.80 8.46
C LYS A 72 22.51 17.78 9.55
N GLU A 73 22.34 17.39 10.82
CA GLU A 73 22.77 18.23 11.92
C GLU A 73 24.30 18.39 11.90
N ASN A 74 24.98 17.31 11.55
CA ASN A 74 26.43 17.30 11.49
C ASN A 74 26.88 16.13 10.60
N PRO A 75 28.18 16.02 10.34
CA PRO A 75 28.65 15.01 9.39
C PRO A 75 28.18 13.59 9.69
N LEU A 76 27.94 13.27 10.96
CA LEU A 76 27.56 11.91 11.34
C LEU A 76 26.06 11.67 11.42
N ALA A 77 25.28 12.72 11.66
CA ALA A 77 23.85 12.57 11.89
C ALA A 77 23.12 12.16 10.61
N LEU A 78 22.11 11.31 10.75
CA LEU A 78 21.26 10.94 9.63
C LEU A 78 20.49 12.19 9.18
N GLY A 79 20.44 12.42 7.88
CA GLY A 79 19.70 13.56 7.34
C GLY A 79 18.24 13.50 7.73
N LYS A 80 17.64 14.66 7.95
CA LYS A 80 16.23 14.72 8.35
C LYS A 80 15.33 14.61 7.12
N VAL A 81 15.94 14.76 5.95
CA VAL A 81 15.25 14.54 4.67
C VAL A 81 16.11 13.62 3.80
N LEU A 82 15.47 12.65 3.16
CA LEU A 82 16.19 11.65 2.37
C LEU A 82 15.62 11.62 0.97
N ILE A 83 16.48 11.71 -0.03
CA ILE A 83 16.04 11.71 -1.42
C ILE A 83 16.40 10.38 -2.07
N VAL A 84 15.42 9.71 -2.65
CA VAL A 84 15.65 8.51 -3.41
C VAL A 84 14.97 8.66 -4.76
N ASP A 85 15.75 8.54 -5.83
CA ASP A 85 15.19 8.63 -7.17
C ASP A 85 14.42 9.94 -7.31
N ASN A 86 14.99 11.01 -6.77
CA ASN A 86 14.41 12.35 -6.87
C ASN A 86 13.09 12.49 -6.14
N GLN A 87 12.85 11.61 -5.19
CA GLN A 87 11.64 11.66 -4.38
C GLN A 87 11.98 11.87 -2.91
N LYS A 88 11.16 12.64 -2.21
CA LYS A 88 11.42 12.97 -0.81
C LYS A 88 10.86 11.92 0.15
N TYR A 89 11.66 11.55 1.15
CA TYR A 89 11.25 10.64 2.21
C TYR A 89 11.70 11.23 3.54
N ASN A 90 10.96 10.95 4.61
CA ASN A 90 11.25 11.56 5.91
C ASN A 90 12.15 10.70 6.79
N ASP A 91 12.23 9.41 6.48
CA ASP A 91 13.06 8.50 7.26
C ASP A 91 13.28 7.19 6.53
N LEU A 92 14.11 6.33 7.12
CA LEU A 92 14.51 5.10 6.46
C LEU A 92 13.35 4.13 6.33
N ASP A 93 12.46 4.10 7.32
CA ASP A 93 11.31 3.19 7.26
C ASP A 93 10.39 3.55 6.11
N GLN A 94 10.26 4.83 5.83
CA GLN A 94 9.40 5.26 4.74
C GLN A 94 9.99 4.81 3.41
N ILE A 95 11.32 4.88 3.28
CA ILE A 95 11.96 4.40 2.07
C ILE A 95 11.72 2.90 1.93
N ILE A 96 11.91 2.17 3.03
CA ILE A 96 11.75 0.73 3.01
C ILE A 96 10.34 0.32 2.60
N VAL A 97 9.35 1.02 3.12
CA VAL A 97 7.96 0.66 2.87
C VAL A 97 7.47 1.17 1.51
N GLU A 98 7.59 2.47 1.29
CA GLU A 98 7.00 3.11 0.11
C GLU A 98 7.84 2.95 -1.15
N TYR A 99 9.16 2.85 -1.00
CA TYR A 99 10.02 2.70 -2.16
C TYR A 99 10.38 1.24 -2.39
N LEU A 100 11.17 0.67 -1.49
CA LEU A 100 11.67 -0.69 -1.66
C LEU A 100 10.56 -1.73 -1.79
N GLN A 101 9.64 -1.75 -0.83
CA GLN A 101 8.65 -2.82 -0.82
C GLN A 101 7.70 -2.71 -2.01
N ASN A 102 7.49 -1.50 -2.51
CA ASN A 102 6.68 -1.34 -3.72
C ASN A 102 7.43 -1.86 -4.94
N LYS A 103 8.74 -1.64 -4.98
CA LYS A 103 9.56 -2.19 -6.06
C LYS A 103 9.53 -3.72 -6.03
N VAL A 104 9.55 -4.30 -4.84
CA VAL A 104 9.53 -5.75 -4.70
C VAL A 104 8.17 -6.29 -5.12
N ARG A 105 7.12 -5.58 -4.73
CA ARG A 105 5.76 -5.94 -5.09
C ARG A 105 5.62 -5.99 -6.62
N LEU A 106 6.18 -5.00 -7.30
CA LEU A 106 6.10 -4.93 -8.75
C LEU A 106 7.00 -5.97 -9.41
N LEU A 107 8.13 -6.27 -8.77
CA LEU A 107 9.01 -7.33 -9.27
C LEU A 107 8.25 -8.66 -9.25
N ASN A 108 7.65 -8.98 -8.11
CA ASN A 108 6.87 -10.20 -7.96
C ASN A 108 5.73 -10.28 -8.97
N GLU A 109 5.08 -9.15 -9.21
CA GLU A 109 3.96 -9.09 -10.14
C GLU A 109 4.44 -9.49 -11.54
N MET A 110 5.61 -9.00 -11.93
CA MET A 110 6.13 -9.27 -13.26
C MET A 110 6.58 -10.73 -13.43
N THR A 111 7.39 -11.24 -12.49
CA THR A 111 7.96 -12.58 -12.65
C THR A 111 6.91 -13.67 -12.42
N SER A 112 5.75 -13.31 -11.88
CA SER A 112 4.64 -14.26 -11.72
C SER A 112 3.66 -14.21 -12.89
N SER A 113 3.87 -13.25 -13.80
CA SER A 113 3.02 -13.09 -14.97
C SER A 113 3.33 -14.14 -16.03
N GLU A 114 2.31 -14.55 -16.78
CA GLU A 114 2.48 -15.53 -17.86
C GLU A 114 3.37 -14.98 -18.96
N LYS A 115 3.49 -13.66 -19.04
CA LYS A 115 4.28 -13.01 -20.07
C LYS A 115 5.76 -12.90 -19.71
N PHE A 116 6.14 -13.41 -18.54
CA PHE A 116 7.54 -13.37 -18.14
C PHE A 116 8.22 -14.72 -18.38
N LYS A 117 9.45 -14.67 -18.88
CA LYS A 117 10.22 -15.86 -19.19
C LYS A 117 11.55 -15.83 -18.43
N SER A 118 11.80 -16.86 -17.62
CA SER A 118 13.05 -16.94 -16.87
C SER A 118 14.21 -17.29 -17.79
N GLY A 119 15.42 -16.94 -17.36
CA GLY A 119 16.63 -17.30 -18.08
C GLY A 119 17.46 -16.10 -18.50
N THR A 120 18.64 -16.38 -19.03
CA THR A 120 19.54 -15.34 -19.52
C THR A 120 18.96 -14.76 -20.80
N LYS A 121 19.53 -13.65 -21.26
CA LYS A 121 19.05 -13.00 -22.47
C LYS A 121 19.16 -13.94 -23.67
N LYS A 122 20.28 -14.67 -23.76
CA LYS A 122 20.51 -15.58 -24.87
C LYS A 122 19.49 -16.72 -24.87
N ASP A 123 19.29 -17.33 -23.71
CA ASP A 123 18.35 -18.43 -23.58
C ASP A 123 16.93 -17.99 -23.92
N VAL A 124 16.61 -16.74 -23.61
CA VAL A 124 15.28 -16.21 -23.87
C VAL A 124 15.13 -15.92 -25.37
N VAL A 125 16.20 -15.45 -25.99
CA VAL A 125 16.16 -15.19 -27.43
C VAL A 125 15.86 -16.49 -28.18
N LYS A 126 16.57 -17.55 -27.81
CA LYS A 126 16.38 -18.85 -28.44
C LYS A 126 14.97 -19.35 -28.24
N PHE A 127 14.40 -19.09 -27.07
CA PHE A 127 13.05 -19.56 -26.76
C PHE A 127 12.00 -18.83 -27.60
N ILE A 128 12.13 -17.50 -27.70
CA ILE A 128 11.17 -16.71 -28.46
C ILE A 128 11.20 -17.10 -29.93
N GLU A 129 12.41 -17.28 -30.47
CA GLU A 129 12.58 -17.70 -31.86
C GLU A 129 11.91 -19.04 -32.11
N ASP A 130 12.16 -20.00 -31.23
CA ASP A 130 11.56 -21.32 -31.35
C ASP A 130 10.04 -21.25 -31.18
N TYR A 131 9.59 -20.33 -30.34
CA TYR A 131 8.19 -20.23 -29.97
C TYR A 131 7.37 -19.58 -31.08
N SER A 132 7.98 -18.61 -31.76
CA SER A 132 7.29 -17.84 -32.79
C SER A 132 7.06 -18.70 -34.03
N ARG A 133 7.83 -19.78 -34.15
CA ARG A 133 7.75 -20.67 -35.31
C ARG A 133 6.68 -21.74 -35.14
N VAL A 134 6.06 -21.78 -33.96
CA VAL A 134 4.95 -22.69 -33.71
C VAL A 134 3.71 -22.17 -34.43
N ASN A 135 3.44 -20.89 -34.24
CA ASN A 135 2.38 -20.19 -34.98
C ASN A 135 2.98 -19.03 -35.75
N PRO A 136 3.53 -19.31 -36.94
CA PRO A 136 4.35 -18.35 -37.67
C PRO A 136 3.65 -17.02 -37.99
N ASN A 137 2.33 -17.03 -38.07
CA ASN A 137 1.60 -15.82 -38.48
C ASN A 137 1.16 -14.95 -37.30
N LYS A 138 1.41 -15.41 -36.09
CA LYS A 138 1.00 -14.67 -34.91
C LYS A 138 2.21 -14.00 -34.22
N SER A 139 1.99 -12.80 -33.71
CA SER A 139 3.05 -12.06 -33.01
C SER A 139 3.22 -12.59 -31.60
N VAL A 140 4.44 -12.45 -31.07
CA VAL A 140 4.79 -12.97 -29.76
C VAL A 140 5.63 -11.96 -29.01
N TYR A 141 5.47 -11.90 -27.69
CA TYR A 141 6.31 -11.05 -26.85
C TYR A 141 6.42 -11.60 -25.44
N TYR A 142 7.59 -11.42 -24.84
CA TYR A 142 7.85 -11.86 -23.48
C TYR A 142 8.75 -10.84 -22.79
N PHE A 143 8.59 -10.73 -21.47
CA PHE A 143 9.51 -9.96 -20.65
C PHE A 143 10.55 -10.90 -20.05
N SER A 144 11.74 -10.38 -19.75
CA SER A 144 12.76 -11.15 -19.04
C SER A 144 13.67 -10.22 -18.25
N LEU A 145 14.43 -10.78 -17.31
CA LEU A 145 15.28 -9.99 -16.43
C LEU A 145 16.57 -9.57 -17.13
N ASN A 146 16.92 -8.30 -16.99
CA ASN A 146 18.19 -7.80 -17.51
C ASN A 146 19.25 -7.91 -16.41
N HIS A 147 20.18 -8.85 -16.58
CA HIS A 147 21.15 -9.12 -15.52
C HIS A 147 22.34 -8.17 -15.57
N ASP A 148 22.56 -7.54 -16.72
CA ASP A 148 23.63 -6.55 -16.86
C ASP A 148 23.30 -5.25 -16.14
N ASN A 149 22.02 -4.89 -16.13
CA ASN A 149 21.57 -3.64 -15.55
C ASN A 149 20.45 -3.87 -14.54
N PRO A 150 20.81 -4.21 -13.30
CA PRO A 150 19.82 -4.57 -12.28
C PRO A 150 18.70 -3.54 -12.16
N GLY A 151 17.46 -3.99 -12.26
CA GLY A 151 16.32 -3.10 -12.14
C GLY A 151 15.61 -2.89 -13.47
N TRP A 152 16.11 -3.50 -14.53
CA TRP A 152 15.51 -3.38 -15.85
C TRP A 152 15.04 -4.75 -16.34
N PHE A 153 14.05 -4.77 -17.21
CA PHE A 153 13.61 -5.96 -17.92
C PHE A 153 13.84 -5.75 -19.40
N TYR A 154 14.06 -6.84 -20.13
CA TYR A 154 13.97 -6.81 -21.57
C TYR A 154 12.52 -7.05 -21.96
N LEU A 155 12.10 -6.45 -23.06
CA LEU A 155 10.80 -6.71 -23.65
C LEU A 155 11.04 -7.12 -25.10
N MET A 156 11.12 -8.42 -25.34
CA MET A 156 11.44 -8.96 -26.67
C MET A 156 10.18 -9.39 -27.40
N PHE A 157 10.12 -9.10 -28.70
CA PHE A 157 8.92 -9.38 -29.47
C PHE A 157 9.19 -9.54 -30.96
N LYS A 158 8.44 -10.43 -31.60
CA LYS A 158 8.46 -10.58 -33.04
C LYS A 158 7.05 -10.36 -33.56
N ILE A 159 6.94 -9.60 -34.65
CA ILE A 159 5.64 -9.41 -35.29
C ILE A 159 5.16 -10.76 -35.82
N ASN A 160 6.11 -11.55 -36.33
CA ASN A 160 5.84 -12.90 -36.81
C ASN A 160 7.12 -13.69 -36.95
N ALA A 161 7.03 -14.92 -37.45
CA ALA A 161 8.17 -15.83 -37.48
C ALA A 161 9.34 -15.30 -38.31
N ASN A 162 9.04 -14.61 -39.40
CA ASN A 162 10.07 -14.14 -40.31
C ASN A 162 10.46 -12.68 -40.10
N SER A 163 9.88 -12.04 -39.08
CA SER A 163 10.22 -10.67 -38.77
C SER A 163 11.45 -10.61 -37.87
N LYS A 164 12.03 -9.42 -37.75
CA LYS A 164 13.17 -9.21 -36.88
C LYS A 164 12.75 -9.32 -35.42
N LEU A 165 13.61 -9.87 -34.58
CA LEU A 165 13.38 -9.88 -33.15
C LEU A 165 13.82 -8.54 -32.56
N TYR A 166 12.87 -7.79 -32.02
CA TYR A 166 13.15 -6.48 -31.45
C TYR A 166 13.20 -6.55 -29.95
N THR A 167 13.96 -5.65 -29.34
CA THR A 167 14.14 -5.63 -27.90
C THR A 167 14.02 -4.20 -27.36
N TRP A 168 13.06 -4.00 -26.47
CA TRP A 168 12.90 -2.72 -25.80
C TRP A 168 13.24 -2.88 -24.32
N ASN A 169 13.44 -1.76 -23.63
CA ASN A 169 13.88 -1.78 -22.24
C ASN A 169 12.83 -1.19 -21.31
N VAL A 170 12.47 -1.95 -20.28
CA VAL A 170 11.49 -1.53 -19.30
C VAL A 170 12.17 -1.40 -17.95
N LYS A 171 12.04 -0.24 -17.31
CA LYS A 171 12.69 -0.02 -16.03
C LYS A 171 11.70 -0.23 -14.89
N LEU A 172 12.08 -1.03 -13.91
CA LEU A 172 11.31 -1.18 -12.69
C LEU A 172 11.47 0.08 -11.82
N THR A 173 10.35 0.67 -11.43
CA THR A 173 10.36 1.81 -10.51
C THR A 173 9.44 1.48 -9.35
N ASN A 174 9.40 2.36 -8.34
CA ASN A 174 8.55 2.12 -7.19
C ASN A 174 7.07 2.38 -7.47
N THR A 175 6.75 2.97 -8.62
CA THR A 175 5.36 3.29 -8.96
C THR A 175 4.85 2.57 -10.22
N GLY A 176 5.70 1.77 -10.85
CA GLY A 176 5.29 1.01 -12.01
C GLY A 176 6.45 0.63 -12.92
N TYR A 177 6.14 0.37 -14.19
CA TYR A 177 7.12 -0.07 -15.17
C TYR A 177 7.28 1.01 -16.22
N PHE A 178 8.46 1.61 -16.30
CA PHE A 178 8.69 2.68 -17.27
C PHE A 178 9.13 2.13 -18.62
N LEU A 179 8.30 2.38 -19.63
CA LEU A 179 8.61 1.97 -21.00
C LEU A 179 8.54 3.20 -21.91
N VAL A 180 9.65 3.50 -22.57
CA VAL A 180 9.73 4.59 -23.54
C VAL A 180 9.58 5.96 -22.88
N ASN A 181 8.35 6.38 -22.63
CA ASN A 181 8.12 7.68 -22.00
C ASN A 181 6.91 7.67 -21.07
N TYR A 182 6.62 6.52 -20.48
CA TYR A 182 5.46 6.39 -19.60
C TYR A 182 5.68 5.35 -18.51
N ASN A 183 5.09 5.61 -17.34
CA ASN A 183 5.19 4.70 -16.20
C ASN A 183 3.87 3.96 -15.98
N TYR A 184 3.86 2.67 -16.29
CA TYR A 184 2.64 1.87 -16.23
C TYR A 184 2.46 1.22 -14.86
N PRO A 185 1.34 1.51 -14.19
CA PRO A 185 1.13 1.07 -12.79
C PRO A 185 1.05 -0.45 -12.60
N SER A 186 0.77 -1.20 -13.66
CA SER A 186 0.68 -2.66 -13.55
C SER A 186 1.14 -3.34 -14.82
N VAL A 187 1.32 -4.66 -14.74
CA VAL A 187 1.75 -5.44 -15.89
C VAL A 187 0.65 -5.47 -16.94
N ILE A 188 -0.60 -5.53 -16.50
CA ILE A 188 -1.72 -5.54 -17.43
C ILE A 188 -1.70 -4.27 -18.27
N GLN A 189 -1.59 -3.13 -17.60
CA GLN A 189 -1.60 -1.84 -18.30
C GLN A 189 -0.32 -1.66 -19.11
N LEU A 190 0.76 -2.30 -18.66
CA LEU A 190 2.02 -2.24 -19.38
C LEU A 190 1.89 -2.98 -20.71
N CYS A 191 1.18 -4.10 -20.69
CA CYS A 191 0.99 -4.90 -21.90
C CYS A 191 0.07 -4.18 -22.87
N ASN A 192 -0.93 -3.49 -22.35
CA ASN A 192 -1.83 -2.72 -23.20
C ASN A 192 -1.10 -1.55 -23.84
N GLY A 193 -0.23 -0.91 -23.07
CA GLY A 193 0.57 0.19 -23.57
C GLY A 193 1.42 -0.28 -24.74
N PHE A 194 2.13 -1.39 -24.55
CA PHE A 194 3.01 -1.94 -25.58
C PHE A 194 2.27 -2.19 -26.89
N LYS A 195 1.08 -2.77 -26.81
CA LYS A 195 0.31 -3.07 -28.01
C LYS A 195 -0.15 -1.80 -28.71
N THR A 196 -0.37 -0.74 -27.94
CA THR A 196 -0.74 0.55 -28.49
C THR A 196 0.44 1.22 -29.20
N LEU A 197 1.64 1.00 -28.67
CA LEU A 197 2.85 1.53 -29.28
C LEU A 197 3.04 0.95 -30.67
N LEU A 198 2.78 -0.34 -30.83
CA LEU A 198 2.92 -1.01 -32.11
C LEU A 198 1.98 -0.41 -33.14
N LYS A 199 0.92 0.23 -32.68
CA LYS A 199 -0.05 0.86 -33.56
C LYS A 199 0.06 2.39 -33.50
N SER A 200 1.10 2.92 -34.14
CA SER A 200 1.32 4.36 -34.16
C SER A 200 1.81 4.81 -35.54
N ILE B 2 -36.06 -19.33 1.73
CA ILE B 2 -35.24 -19.01 0.56
C ILE B 2 -35.72 -17.72 -0.09
N ASP B 3 -34.78 -16.81 -0.31
CA ASP B 3 -35.08 -15.44 -0.68
C ASP B 3 -35.36 -15.29 -2.18
N PRO B 4 -36.57 -14.82 -2.54
CA PRO B 4 -36.92 -14.63 -3.95
C PRO B 4 -36.30 -13.38 -4.58
N PHE B 5 -35.66 -12.53 -3.77
CA PHE B 5 -34.89 -11.42 -4.31
C PHE B 5 -33.62 -12.01 -4.91
N THR B 6 -33.47 -11.94 -6.23
CA THR B 6 -32.33 -12.59 -6.88
C THR B 6 -31.75 -11.73 -8.00
N ALA B 7 -30.52 -12.07 -8.42
CA ALA B 7 -29.87 -11.34 -9.49
C ALA B 7 -30.67 -11.44 -10.79
N LYS B 8 -31.41 -12.54 -10.94
CA LYS B 8 -32.19 -12.75 -12.17
C LYS B 8 -33.53 -12.03 -12.16
N ARG B 9 -34.23 -12.08 -11.03
CA ARG B 9 -35.58 -11.53 -10.92
C ARG B 9 -35.58 -10.05 -10.59
N THR B 10 -34.69 -9.66 -9.69
CA THR B 10 -34.60 -8.27 -9.24
C THR B 10 -33.18 -7.76 -9.34
N HIS B 11 -32.74 -7.44 -10.55
CA HIS B 11 -31.37 -6.99 -10.76
C HIS B 11 -31.15 -5.60 -10.19
N ARG B 12 -29.95 -5.37 -9.67
CA ARG B 12 -29.59 -4.09 -9.07
C ARG B 12 -28.57 -3.38 -9.93
N VAL B 13 -28.70 -2.06 -10.02
CA VAL B 13 -27.67 -1.25 -10.65
C VAL B 13 -26.80 -0.62 -9.55
N ILE B 14 -25.49 -0.85 -9.63
CA ILE B 14 -24.55 -0.31 -8.67
C ILE B 14 -23.64 0.69 -9.38
N ASN B 15 -23.44 1.86 -8.76
CA ASN B 15 -22.57 2.87 -9.32
C ASN B 15 -21.10 2.56 -9.08
N HIS B 16 -20.47 1.88 -10.05
CA HIS B 16 -19.04 1.63 -9.98
C HIS B 16 -18.50 1.13 -11.31
N PRO B 17 -17.33 1.65 -11.72
CA PRO B 17 -16.72 1.34 -13.02
C PRO B 17 -16.53 -0.16 -13.26
N TYR B 18 -16.44 -0.94 -12.18
CA TYR B 18 -16.12 -2.35 -12.29
C TYR B 18 -17.27 -3.25 -11.84
N TYR B 19 -18.46 -2.68 -11.72
CA TYR B 19 -19.66 -3.47 -11.47
C TYR B 19 -20.20 -3.96 -12.80
N PHE B 20 -20.51 -5.25 -12.88
CA PHE B 20 -20.97 -5.88 -14.11
C PHE B 20 -22.27 -6.61 -13.85
N PRO B 21 -23.10 -6.76 -14.90
CA PRO B 21 -24.36 -7.51 -14.78
C PRO B 21 -24.16 -9.02 -14.74
N PHE B 22 -22.91 -9.48 -14.59
CA PHE B 22 -22.60 -10.91 -14.63
C PHE B 22 -23.07 -11.66 -13.38
N ASN B 23 -23.40 -12.92 -13.56
CA ASN B 23 -23.53 -13.84 -12.42
C ASN B 23 -22.18 -14.52 -12.23
N GLY B 24 -22.13 -15.54 -11.38
CA GLY B 24 -20.87 -16.18 -11.04
C GLY B 24 -20.19 -16.84 -12.24
N ARG B 25 -20.96 -17.55 -13.03
CA ARG B 25 -20.42 -18.29 -14.17
C ARG B 25 -19.90 -17.32 -15.23
N GLN B 26 -20.68 -16.30 -15.49
CA GLN B 26 -20.34 -15.29 -16.50
C GLN B 26 -19.12 -14.50 -16.08
N ALA B 27 -19.00 -14.23 -14.78
CA ALA B 27 -17.87 -13.48 -14.27
C ALA B 27 -16.59 -14.29 -14.51
N GLU B 28 -16.65 -15.58 -14.21
CA GLU B 28 -15.51 -16.46 -14.42
C GLU B 28 -15.13 -16.50 -15.90
N ASP B 29 -16.11 -16.64 -16.78
CA ASP B 29 -15.84 -16.73 -18.21
C ASP B 29 -15.15 -15.46 -18.69
N TYR B 30 -15.64 -14.32 -18.23
CA TYR B 30 -15.05 -13.04 -18.56
C TYR B 30 -13.58 -13.01 -18.15
N LEU B 31 -13.30 -13.52 -16.95
CA LEU B 31 -11.96 -13.45 -16.39
C LEU B 31 -11.01 -14.48 -16.98
N ARG B 32 -11.55 -15.50 -17.65
CA ARG B 32 -10.71 -16.55 -18.23
C ARG B 32 -9.65 -15.97 -19.17
N SER B 33 -10.02 -14.93 -19.91
CA SER B 33 -9.09 -14.30 -20.84
C SER B 33 -8.42 -13.07 -20.21
N LYS B 34 -8.26 -13.08 -18.89
CA LYS B 34 -7.66 -11.96 -18.18
C LYS B 34 -6.47 -12.42 -17.36
N GLU B 35 -5.76 -11.48 -16.74
CA GLU B 35 -4.59 -11.82 -15.92
C GLU B 35 -4.94 -11.89 -14.44
N ARG B 36 -4.01 -12.40 -13.65
CA ARG B 36 -4.19 -12.50 -12.20
C ARG B 36 -4.52 -11.13 -11.63
N GLY B 37 -5.48 -11.08 -10.72
CA GLY B 37 -5.81 -9.85 -10.03
C GLY B 37 -6.93 -9.06 -10.68
N GLU B 38 -7.24 -9.39 -11.93
CA GLU B 38 -8.40 -8.80 -12.60
C GLU B 38 -9.66 -9.33 -11.94
N PHE B 39 -10.71 -8.51 -11.89
CA PHE B 39 -11.88 -8.85 -11.10
C PHE B 39 -13.16 -8.24 -11.64
N VAL B 40 -14.26 -8.68 -11.06
CA VAL B 40 -15.60 -8.18 -11.38
C VAL B 40 -16.37 -7.99 -10.09
N ILE B 41 -17.05 -6.85 -9.95
CA ILE B 41 -18.00 -6.66 -8.86
C ILE B 41 -19.37 -6.97 -9.43
N ARG B 42 -20.17 -7.72 -8.69
CA ARG B 42 -21.45 -8.17 -9.19
C ARG B 42 -22.43 -8.41 -8.06
N GLN B 43 -23.70 -8.55 -8.42
CA GLN B 43 -24.75 -8.84 -7.45
C GLN B 43 -24.65 -10.29 -7.03
N SER B 44 -24.97 -10.57 -5.78
CA SER B 44 -25.05 -11.94 -5.30
C SER B 44 -26.27 -12.62 -5.94
N SER B 45 -26.24 -13.95 -6.06
CA SER B 45 -27.32 -14.68 -6.69
C SER B 45 -28.64 -14.44 -5.94
N ARG B 46 -28.55 -14.32 -4.63
CA ARG B 46 -29.73 -14.10 -3.79
C ARG B 46 -29.46 -13.08 -2.68
N GLY B 47 -30.51 -12.39 -2.27
CA GLY B 47 -30.41 -11.42 -1.20
C GLY B 47 -30.24 -10.01 -1.75
N ASP B 48 -30.88 -9.05 -1.09
CA ASP B 48 -30.79 -7.66 -1.50
C ASP B 48 -29.62 -6.95 -0.83
N ASP B 49 -28.86 -7.68 -0.02
CA ASP B 49 -27.82 -7.08 0.80
C ASP B 49 -26.47 -7.78 0.67
N HIS B 50 -26.22 -8.40 -0.48
CA HIS B 50 -24.94 -9.04 -0.71
C HIS B 50 -24.43 -8.75 -2.12
N LEU B 51 -23.14 -8.42 -2.20
CA LEU B 51 -22.46 -8.29 -3.47
C LEU B 51 -21.31 -9.27 -3.45
N VAL B 52 -20.63 -9.39 -4.58
CA VAL B 52 -19.52 -10.32 -4.70
C VAL B 52 -18.44 -9.69 -5.54
N ILE B 53 -17.19 -9.92 -5.18
CA ILE B 53 -16.08 -9.63 -6.05
C ILE B 53 -15.47 -10.95 -6.49
N THR B 54 -15.57 -11.26 -7.78
CA THR B 54 -14.95 -12.45 -8.34
C THR B 54 -13.63 -12.06 -8.97
N TRP B 55 -12.54 -12.69 -8.58
CA TRP B 55 -11.23 -12.35 -9.14
C TRP B 55 -10.43 -13.59 -9.50
N LYS B 56 -9.44 -13.42 -10.38
CA LYS B 56 -8.67 -14.54 -10.90
C LYS B 56 -7.34 -14.72 -10.18
N LEU B 57 -7.14 -15.89 -9.61
CA LEU B 57 -5.86 -16.23 -8.97
C LEU B 57 -4.89 -16.84 -9.98
N ASP B 58 -5.40 -17.70 -10.84
CA ASP B 58 -4.56 -18.42 -11.77
C ASP B 58 -5.44 -18.99 -12.89
N LYS B 59 -4.84 -19.77 -13.77
CA LYS B 59 -5.59 -20.40 -14.84
C LYS B 59 -6.70 -21.26 -14.23
N ASP B 60 -7.93 -20.95 -14.61
CA ASP B 60 -9.11 -21.68 -14.13
C ASP B 60 -9.22 -21.71 -12.62
N LEU B 61 -8.68 -20.70 -11.95
CA LEU B 61 -8.75 -20.61 -10.50
C LEU B 61 -9.28 -19.23 -10.13
N PHE B 62 -10.52 -19.21 -9.62
CA PHE B 62 -11.18 -17.95 -9.30
C PHE B 62 -11.72 -18.02 -7.88
N GLN B 63 -11.82 -16.84 -7.25
CA GLN B 63 -12.41 -16.76 -5.92
C GLN B 63 -13.56 -15.76 -5.93
N HIS B 64 -14.61 -16.08 -5.21
CA HIS B 64 -15.77 -15.19 -5.10
C HIS B 64 -15.84 -14.65 -3.67
N ILE B 65 -15.46 -13.39 -3.52
CA ILE B 65 -15.45 -12.71 -2.23
C ILE B 65 -16.83 -12.16 -1.90
N ASP B 66 -17.42 -12.62 -0.81
CA ASP B 66 -18.73 -12.14 -0.40
C ASP B 66 -18.63 -10.79 0.30
N ILE B 67 -19.53 -9.87 -0.07
CA ILE B 67 -19.59 -8.55 0.56
C ILE B 67 -20.97 -8.39 1.20
N GLN B 68 -21.02 -8.23 2.51
CA GLN B 68 -22.29 -8.03 3.19
C GLN B 68 -22.57 -6.54 3.36
N GLU B 69 -23.76 -6.12 2.95
CA GLU B 69 -24.14 -4.72 3.04
C GLU B 69 -24.95 -4.44 4.31
N LEU B 70 -24.59 -3.37 5.00
CA LEU B 70 -25.31 -2.93 6.18
C LEU B 70 -25.65 -1.46 6.01
N GLU B 71 -26.64 -1.00 6.76
CA GLU B 71 -27.06 0.39 6.69
C GLU B 71 -27.42 0.77 5.26
N LYS B 72 -28.36 0.02 4.68
CA LYS B 72 -28.94 0.34 3.39
C LYS B 72 -30.10 1.31 3.61
N GLU B 73 -30.17 2.34 2.78
CA GLU B 73 -31.27 3.30 2.86
C GLU B 73 -32.57 2.63 2.41
N ASN B 74 -32.48 1.86 1.33
CA ASN B 74 -33.60 1.07 0.85
C ASN B 74 -33.10 -0.20 0.18
N PRO B 75 -34.01 -1.07 -0.27
CA PRO B 75 -33.58 -2.37 -0.79
C PRO B 75 -32.53 -2.29 -1.89
N LEU B 76 -32.57 -1.24 -2.71
CA LEU B 76 -31.68 -1.17 -3.87
C LEU B 76 -30.37 -0.43 -3.56
N ALA B 77 -30.38 0.44 -2.56
CA ALA B 77 -29.22 1.28 -2.28
C ALA B 77 -28.04 0.47 -1.78
N LEU B 78 -26.84 0.86 -2.22
CA LEU B 78 -25.61 0.26 -1.70
C LEU B 78 -25.49 0.58 -0.21
N GLY B 79 -25.15 -0.43 0.59
CA GLY B 79 -24.97 -0.23 2.01
C GLY B 79 -23.86 0.77 2.32
N LYS B 80 -24.03 1.55 3.37
CA LYS B 80 -23.02 2.53 3.76
C LYS B 80 -21.88 1.88 4.53
N VAL B 81 -22.13 0.66 5.00
CA VAL B 81 -21.10 -0.14 5.65
C VAL B 81 -21.03 -1.48 4.95
N LEU B 82 -19.82 -1.89 4.58
CA LEU B 82 -19.62 -3.13 3.84
C LEU B 82 -18.70 -4.03 4.65
N ILE B 83 -19.08 -5.30 4.77
CA ILE B 83 -18.30 -6.25 5.57
C ILE B 83 -17.72 -7.31 4.65
N VAL B 84 -16.40 -7.48 4.73
CA VAL B 84 -15.71 -8.50 3.96
C VAL B 84 -14.80 -9.27 4.90
N ASP B 85 -14.98 -10.58 4.98
CA ASP B 85 -14.15 -11.39 5.87
C ASP B 85 -14.21 -10.83 7.30
N ASN B 86 -15.40 -10.38 7.71
CA ASN B 86 -15.61 -9.85 9.06
C ASN B 86 -14.85 -8.55 9.35
N GLN B 87 -14.42 -7.87 8.29
CA GLN B 87 -13.75 -6.58 8.40
C GLN B 87 -14.64 -5.50 7.80
N LYS B 88 -14.63 -4.31 8.39
CA LYS B 88 -15.49 -3.24 7.92
C LYS B 88 -14.79 -2.35 6.90
N TYR B 89 -15.53 -1.99 5.86
CA TYR B 89 -15.06 -1.10 4.82
C TYR B 89 -16.15 -0.05 4.58
N ASN B 90 -15.75 1.13 4.11
CA ASN B 90 -16.69 2.22 3.92
C ASN B 90 -17.27 2.24 2.51
N ASP B 91 -16.55 1.65 1.57
CA ASP B 91 -17.04 1.62 0.19
C ASP B 91 -16.26 0.61 -0.65
N LEU B 92 -16.72 0.42 -1.89
CA LEU B 92 -16.14 -0.59 -2.78
C LEU B 92 -14.68 -0.29 -3.10
N ASP B 93 -14.35 0.99 -3.30
CA ASP B 93 -12.97 1.37 -3.62
C ASP B 93 -12.01 0.91 -2.52
N GLN B 94 -12.43 1.05 -1.27
CA GLN B 94 -11.59 0.66 -0.15
C GLN B 94 -11.40 -0.85 -0.12
N ILE B 95 -12.44 -1.59 -0.48
CA ILE B 95 -12.34 -3.04 -0.55
C ILE B 95 -11.34 -3.43 -1.63
N ILE B 96 -11.38 -2.75 -2.76
CA ILE B 96 -10.50 -3.07 -3.86
C ILE B 96 -9.04 -2.82 -3.49
N VAL B 97 -8.76 -1.68 -2.89
CA VAL B 97 -7.38 -1.31 -2.58
C VAL B 97 -6.84 -2.07 -1.38
N GLU B 98 -7.56 -2.02 -0.27
CA GLU B 98 -7.08 -2.56 1.00
C GLU B 98 -7.27 -4.07 1.14
N TYR B 99 -8.29 -4.63 0.50
CA TYR B 99 -8.52 -6.06 0.61
C TYR B 99 -7.99 -6.82 -0.59
N LEU B 100 -8.58 -6.59 -1.76
CA LEU B 100 -8.23 -7.36 -2.96
C LEU B 100 -6.78 -7.18 -3.38
N GLN B 101 -6.35 -5.93 -3.56
CA GLN B 101 -5.01 -5.69 -4.08
C GLN B 101 -3.94 -6.22 -3.15
N ASN B 102 -4.21 -6.21 -1.84
CA ASN B 102 -3.28 -6.82 -0.89
C ASN B 102 -3.25 -8.34 -1.03
N LYS B 103 -4.41 -8.94 -1.27
CA LYS B 103 -4.48 -10.38 -1.48
C LYS B 103 -3.70 -10.79 -2.72
N VAL B 104 -3.83 -10.00 -3.79
CA VAL B 104 -3.09 -10.25 -5.00
C VAL B 104 -1.58 -10.08 -4.76
N ARG B 105 -1.21 -9.02 -4.06
CA ARG B 105 0.20 -8.79 -3.71
C ARG B 105 0.79 -10.00 -3.00
N LEU B 106 0.04 -10.54 -2.05
CA LEU B 106 0.52 -11.66 -1.25
C LEU B 106 0.53 -12.95 -2.07
N LEU B 107 -0.36 -13.03 -3.05
CA LEU B 107 -0.38 -14.18 -3.94
C LEU B 107 0.92 -14.18 -4.74
N ASN B 108 1.22 -13.03 -5.34
CA ASN B 108 2.46 -12.86 -6.09
C ASN B 108 3.70 -13.08 -5.23
N GLU B 109 3.65 -12.66 -3.98
CA GLU B 109 4.79 -12.84 -3.09
C GLU B 109 5.05 -14.34 -2.88
N MET B 110 3.98 -15.11 -2.74
CA MET B 110 4.11 -16.55 -2.53
C MET B 110 4.55 -17.28 -3.81
N THR B 111 3.91 -17.01 -4.94
CA THR B 111 4.20 -17.76 -6.16
C THR B 111 5.55 -17.38 -6.76
N SER B 112 6.10 -16.25 -6.33
CA SER B 112 7.44 -15.84 -6.75
C SER B 112 8.51 -16.38 -5.81
N SER B 113 8.09 -17.12 -4.79
CA SER B 113 9.01 -17.64 -3.78
C SER B 113 9.79 -18.85 -4.27
N GLU B 114 11.06 -18.93 -3.90
CA GLU B 114 11.87 -20.09 -4.21
C GLU B 114 11.23 -21.35 -3.64
N LYS B 115 10.51 -21.17 -2.54
CA LYS B 115 9.87 -22.27 -1.84
C LYS B 115 8.53 -22.68 -2.45
N PHE B 116 8.11 -22.00 -3.51
CA PHE B 116 6.85 -22.33 -4.16
C PHE B 116 7.05 -23.26 -5.34
N LYS B 117 6.17 -24.24 -5.47
CA LYS B 117 6.24 -25.23 -6.53
C LYS B 117 4.93 -25.22 -7.31
N SER B 118 5.01 -24.96 -8.62
CA SER B 118 3.83 -24.97 -9.47
C SER B 118 3.36 -26.39 -9.70
N GLY B 119 2.08 -26.54 -10.01
CA GLY B 119 1.53 -27.85 -10.36
C GLY B 119 0.42 -28.27 -9.41
N THR B 120 -0.26 -29.36 -9.79
CA THR B 120 -1.35 -29.92 -8.99
C THR B 120 -0.78 -30.65 -7.78
N LYS B 121 -1.66 -30.99 -6.84
CA LYS B 121 -1.23 -31.61 -5.59
C LYS B 121 -0.46 -32.90 -5.82
N LYS B 122 -0.95 -33.73 -6.74
CA LYS B 122 -0.33 -35.03 -6.98
C LYS B 122 1.04 -34.88 -7.65
N ASP B 123 1.17 -33.92 -8.55
CA ASP B 123 2.43 -33.69 -9.24
C ASP B 123 3.47 -33.06 -8.34
N VAL B 124 3.01 -32.27 -7.37
CA VAL B 124 3.93 -31.64 -6.44
C VAL B 124 4.43 -32.70 -5.47
N VAL B 125 3.54 -33.57 -5.03
CA VAL B 125 3.93 -34.66 -4.13
C VAL B 125 5.01 -35.53 -4.80
N LYS B 126 4.83 -35.83 -6.07
CA LYS B 126 5.79 -36.65 -6.79
C LYS B 126 7.12 -35.92 -6.91
N PHE B 127 7.07 -34.63 -7.19
CA PHE B 127 8.28 -33.83 -7.30
C PHE B 127 9.05 -33.86 -5.99
N ILE B 128 8.36 -33.62 -4.88
CA ILE B 128 9.01 -33.54 -3.57
C ILE B 128 9.65 -34.87 -3.19
N GLU B 129 8.98 -35.97 -3.50
CA GLU B 129 9.52 -37.29 -3.20
C GLU B 129 10.83 -37.53 -3.99
N ASP B 130 10.86 -37.15 -5.26
CA ASP B 130 12.06 -37.33 -6.08
C ASP B 130 13.18 -36.40 -5.62
N TYR B 131 12.80 -35.17 -5.30
CA TYR B 131 13.74 -34.12 -4.94
C TYR B 131 14.44 -34.44 -3.62
N SER B 132 13.68 -34.97 -2.66
CA SER B 132 14.22 -35.25 -1.34
C SER B 132 15.25 -36.37 -1.41
N ARG B 133 15.16 -37.20 -2.44
CA ARG B 133 16.07 -38.33 -2.59
C ARG B 133 17.38 -37.93 -3.28
N VAL B 134 17.52 -36.64 -3.60
CA VAL B 134 18.79 -36.13 -4.10
C VAL B 134 19.77 -35.95 -2.94
N ASN B 135 19.28 -35.38 -1.85
CA ASN B 135 20.03 -35.34 -0.58
C ASN B 135 19.16 -35.97 0.51
N PRO B 136 19.23 -37.29 0.63
CA PRO B 136 18.29 -38.08 1.45
C PRO B 136 18.30 -37.72 2.94
N ASN B 137 19.36 -37.09 3.43
CA ASN B 137 19.44 -36.76 4.85
C ASN B 137 18.89 -35.37 5.19
N LYS B 138 18.66 -34.56 4.17
CA LYS B 138 18.15 -33.21 4.40
C LYS B 138 16.63 -33.16 4.50
N SER B 139 16.11 -32.19 5.23
CA SER B 139 14.67 -31.95 5.27
C SER B 139 14.30 -31.04 4.10
N VAL B 140 13.06 -31.16 3.65
CA VAL B 140 12.59 -30.39 2.51
C VAL B 140 11.16 -29.92 2.75
N TYR B 141 10.81 -28.77 2.18
CA TYR B 141 9.42 -28.33 2.21
C TYR B 141 9.14 -27.35 1.08
N TYR B 142 7.89 -27.36 0.62
CA TYR B 142 7.44 -26.52 -0.48
C TYR B 142 6.00 -26.09 -0.27
N PHE B 143 5.64 -24.93 -0.81
CA PHE B 143 4.25 -24.49 -0.88
C PHE B 143 3.75 -24.76 -2.29
N SER B 144 2.45 -24.96 -2.44
CA SER B 144 1.84 -25.12 -3.76
C SER B 144 0.39 -24.66 -3.69
N LEU B 145 -0.23 -24.46 -4.85
CA LEU B 145 -1.60 -23.98 -4.90
C LEU B 145 -2.62 -25.10 -4.67
N ASN B 146 -3.60 -24.81 -3.83
CA ASN B 146 -4.73 -25.71 -3.63
C ASN B 146 -5.85 -25.34 -4.61
N HIS B 147 -6.01 -26.15 -5.65
CA HIS B 147 -6.93 -25.82 -6.74
C HIS B 147 -8.38 -26.17 -6.42
N ASP B 148 -8.59 -26.97 -5.38
CA ASP B 148 -9.95 -27.36 -5.00
C ASP B 148 -10.61 -26.32 -4.10
N ASN B 149 -9.79 -25.53 -3.42
CA ASN B 149 -10.30 -24.49 -2.53
C ASN B 149 -9.54 -23.19 -2.78
N PRO B 150 -10.01 -22.39 -3.74
CA PRO B 150 -9.33 -21.16 -4.14
C PRO B 150 -9.00 -20.27 -2.94
N GLY B 151 -7.75 -19.84 -2.85
CA GLY B 151 -7.30 -19.00 -1.77
C GLY B 151 -6.48 -19.73 -0.73
N TRP B 152 -6.31 -21.04 -0.89
CA TRP B 152 -5.50 -21.83 0.02
C TRP B 152 -4.23 -22.34 -0.68
N PHE B 153 -3.20 -22.61 0.12
CA PHE B 153 -1.98 -23.26 -0.34
C PHE B 153 -1.81 -24.55 0.43
N TYR B 154 -1.03 -25.48 -0.12
CA TYR B 154 -0.53 -26.61 0.63
C TYR B 154 0.87 -26.29 1.08
N LEU B 155 1.22 -26.75 2.27
CA LEU B 155 2.59 -26.75 2.75
C LEU B 155 2.99 -28.20 2.97
N MET B 156 3.92 -28.69 2.15
CA MET B 156 4.31 -30.09 2.19
C MET B 156 5.74 -30.23 2.68
N PHE B 157 5.98 -31.18 3.57
CA PHE B 157 7.24 -31.23 4.30
C PHE B 157 7.67 -32.66 4.59
N LYS B 158 8.98 -32.91 4.44
CA LYS B 158 9.59 -34.18 4.83
C LYS B 158 10.82 -33.93 5.69
N ILE B 159 10.95 -34.65 6.79
CA ILE B 159 12.11 -34.53 7.65
C ILE B 159 13.35 -35.05 6.93
N ASN B 160 13.14 -36.10 6.14
CA ASN B 160 14.18 -36.63 5.27
C ASN B 160 13.55 -37.61 4.28
N ALA B 161 14.37 -38.25 3.46
CA ALA B 161 13.87 -39.07 2.38
C ALA B 161 12.97 -40.18 2.90
N ASN B 162 13.39 -40.81 4.00
CA ASN B 162 12.67 -41.96 4.54
C ASN B 162 11.45 -41.59 5.37
N SER B 163 11.31 -40.31 5.70
CA SER B 163 10.23 -39.88 6.58
C SER B 163 8.93 -39.64 5.82
N LYS B 164 7.82 -39.58 6.56
CA LYS B 164 6.51 -39.38 5.97
C LYS B 164 6.38 -37.99 5.34
N LEU B 165 5.55 -37.89 4.31
CA LEU B 165 5.20 -36.60 3.74
C LEU B 165 4.02 -36.03 4.54
N TYR B 166 4.23 -34.87 5.15
CA TYR B 166 3.19 -34.20 5.94
C TYR B 166 2.69 -32.95 5.21
N THR B 167 1.40 -32.66 5.36
CA THR B 167 0.79 -31.52 4.69
C THR B 167 -0.04 -30.67 5.64
N TRP B 168 0.24 -29.38 5.64
CA TRP B 168 -0.55 -28.38 6.35
C TRP B 168 -1.27 -27.51 5.33
N ASN B 169 -2.35 -26.88 5.76
CA ASN B 169 -3.07 -25.94 4.90
C ASN B 169 -2.80 -24.51 5.32
N VAL B 170 -2.47 -23.66 4.35
CA VAL B 170 -2.18 -22.25 4.59
C VAL B 170 -3.18 -21.39 3.85
N LYS B 171 -3.81 -20.45 4.52
CA LYS B 171 -4.84 -19.64 3.89
C LYS B 171 -4.32 -18.27 3.50
N LEU B 172 -4.55 -17.88 2.25
CA LEU B 172 -4.25 -16.53 1.80
C LEU B 172 -5.26 -15.56 2.38
N THR B 173 -4.79 -14.55 3.11
CA THR B 173 -5.67 -13.48 3.58
C THR B 173 -5.15 -12.14 3.07
N ASN B 174 -5.85 -11.06 3.39
CA ASN B 174 -5.46 -9.75 2.89
C ASN B 174 -4.33 -9.11 3.69
N THR B 175 -3.98 -9.73 4.81
CA THR B 175 -2.90 -9.19 5.66
C THR B 175 -1.74 -10.17 5.87
N GLY B 176 -1.83 -11.36 5.28
CA GLY B 176 -0.78 -12.34 5.43
C GLY B 176 -1.24 -13.76 5.13
N TYR B 177 -0.56 -14.75 5.70
CA TYR B 177 -0.86 -16.14 5.45
C TYR B 177 -1.23 -16.82 6.76
N PHE B 178 -2.40 -17.44 6.81
CA PHE B 178 -2.87 -18.04 8.03
C PHE B 178 -2.44 -19.50 8.12
N LEU B 179 -1.66 -19.82 9.16
CA LEU B 179 -1.24 -21.19 9.42
C LEU B 179 -1.58 -21.59 10.86
N VAL B 180 -2.44 -22.59 10.99
CA VAL B 180 -2.83 -23.14 12.29
C VAL B 180 -3.68 -22.15 13.10
N ASN B 181 -3.02 -21.20 13.76
CA ASN B 181 -3.73 -20.21 14.57
C ASN B 181 -3.13 -18.80 14.47
N TYR B 182 -2.16 -18.62 13.59
CA TYR B 182 -1.48 -17.33 13.45
C TYR B 182 -1.50 -16.81 12.01
N ASN B 183 -1.60 -15.49 11.88
CA ASN B 183 -1.49 -14.84 10.59
C ASN B 183 -0.11 -14.22 10.45
N TYR B 184 0.68 -14.73 9.51
CA TYR B 184 2.04 -14.23 9.31
C TYR B 184 2.09 -13.25 8.15
N PRO B 185 2.66 -12.06 8.39
CA PRO B 185 2.60 -10.94 7.43
C PRO B 185 3.38 -11.12 6.13
N SER B 186 4.28 -12.09 6.08
CA SER B 186 5.10 -12.30 4.88
C SER B 186 5.50 -13.76 4.76
N VAL B 187 5.97 -14.16 3.58
CA VAL B 187 6.40 -15.52 3.36
C VAL B 187 7.56 -15.89 4.28
N ILE B 188 8.50 -14.98 4.44
CA ILE B 188 9.65 -15.22 5.31
C ILE B 188 9.18 -15.45 6.74
N GLN B 189 8.26 -14.61 7.22
CA GLN B 189 7.73 -14.78 8.57
C GLN B 189 6.92 -16.08 8.65
N LEU B 190 6.28 -16.46 7.55
CA LEU B 190 5.51 -17.70 7.52
C LEU B 190 6.42 -18.90 7.67
N CYS B 191 7.57 -18.87 7.00
CA CYS B 191 8.53 -19.98 7.08
C CYS B 191 9.20 -20.06 8.45
N ASN B 192 9.38 -18.91 9.08
CA ASN B 192 9.94 -18.88 10.44
C ASN B 192 8.93 -19.45 11.42
N GLY B 193 7.67 -19.08 11.25
CA GLY B 193 6.60 -19.58 12.10
C GLY B 193 6.49 -21.09 11.97
N PHE B 194 6.65 -21.57 10.73
CA PHE B 194 6.59 -23.00 10.46
C PHE B 194 7.69 -23.75 11.20
N LYS B 195 8.90 -23.20 11.15
CA LYS B 195 10.05 -23.82 11.81
C LYS B 195 9.89 -23.80 13.33
N THR B 196 9.25 -22.76 13.84
CA THR B 196 8.94 -22.67 15.26
C THR B 196 7.91 -23.73 15.62
N LEU B 197 6.98 -23.98 14.70
CA LEU B 197 5.91 -24.94 14.92
C LEU B 197 6.47 -26.36 14.95
N LEU B 198 7.47 -26.62 14.13
CA LEU B 198 8.07 -27.95 14.04
C LEU B 198 8.85 -28.31 15.30
N LYS B 199 9.66 -27.37 15.77
CA LYS B 199 10.51 -27.62 16.92
C LYS B 199 9.80 -27.29 18.23
N SER B 200 8.66 -27.94 18.46
CA SER B 200 7.90 -27.73 19.68
C SER B 200 7.00 -28.93 19.96
N ARG C 12 -30.00 4.75 28.67
CA ARG C 12 -30.08 3.42 28.08
C ARG C 12 -29.92 2.34 29.15
N VAL C 13 -30.79 1.33 29.09
CA VAL C 13 -30.66 0.18 29.98
C VAL C 13 -30.30 -1.06 29.16
N ILE C 14 -29.05 -1.48 29.28
CA ILE C 14 -28.57 -2.67 28.58
C ILE C 14 -28.50 -3.85 29.54
N ASN C 15 -29.09 -4.96 29.15
CA ASN C 15 -29.13 -6.15 30.00
C ASN C 15 -27.88 -7.00 29.88
N HIS C 16 -26.79 -6.52 30.49
CA HIS C 16 -25.55 -7.26 30.53
C HIS C 16 -24.88 -7.00 31.88
N PRO C 17 -24.35 -8.06 32.50
CA PRO C 17 -23.83 -7.98 33.87
C PRO C 17 -22.71 -6.96 34.01
N TYR C 18 -22.05 -6.63 32.90
CA TYR C 18 -20.89 -5.74 32.95
C TYR C 18 -21.19 -4.37 32.33
N TYR C 19 -22.46 -4.07 32.11
CA TYR C 19 -22.85 -2.74 31.67
C TYR C 19 -23.15 -1.85 32.88
N PHE C 20 -22.56 -0.65 32.88
CA PHE C 20 -22.67 0.27 34.00
C PHE C 20 -23.07 1.67 33.54
N PRO C 21 -23.82 2.40 34.37
CA PRO C 21 -24.16 3.78 34.02
C PRO C 21 -23.01 4.76 34.34
N PHE C 22 -21.79 4.39 33.94
CA PHE C 22 -20.62 5.24 34.14
C PHE C 22 -20.32 6.06 32.90
N ASN C 23 -19.82 7.28 33.08
CA ASN C 23 -19.14 7.97 32.00
C ASN C 23 -17.69 7.52 32.00
N GLY C 24 -16.86 8.13 31.16
CA GLY C 24 -15.48 7.70 31.00
C GLY C 24 -14.63 7.77 32.26
N ARG C 25 -14.69 8.91 32.97
CA ARG C 25 -13.90 9.09 34.18
C ARG C 25 -14.33 8.11 35.25
N GLN C 26 -15.64 7.96 35.43
CA GLN C 26 -16.17 7.06 36.45
C GLN C 26 -15.73 5.63 36.15
N ALA C 27 -15.72 5.25 34.88
CA ALA C 27 -15.32 3.91 34.48
C ALA C 27 -13.86 3.65 34.86
N GLU C 28 -13.00 4.63 34.61
CA GLU C 28 -11.59 4.50 35.01
C GLU C 28 -11.45 4.38 36.52
N ASP C 29 -12.16 5.23 37.26
CA ASP C 29 -12.04 5.24 38.71
C ASP C 29 -12.49 3.90 39.30
N TYR C 30 -13.53 3.31 38.71
CA TYR C 30 -14.01 2.01 39.14
C TYR C 30 -12.93 0.95 38.90
N LEU C 31 -12.28 1.02 37.73
CA LEU C 31 -11.30 0.01 37.36
C LEU C 31 -9.98 0.17 38.11
N ARG C 32 -9.77 1.31 38.75
CA ARG C 32 -8.53 1.54 39.50
C ARG C 32 -8.29 0.46 40.56
N SER C 33 -9.36 -0.10 41.11
CA SER C 33 -9.23 -1.13 42.14
C SER C 33 -9.40 -2.54 41.57
N LYS C 34 -9.30 -2.68 40.25
CA LYS C 34 -9.45 -3.98 39.59
C LYS C 34 -8.14 -4.43 38.97
N GLU C 35 -8.11 -5.63 38.42
CA GLU C 35 -6.89 -6.18 37.83
C GLU C 35 -6.87 -5.94 36.32
N ARG C 36 -5.71 -6.15 35.72
CA ARG C 36 -5.57 -6.06 34.28
C ARG C 36 -6.58 -6.97 33.59
N GLY C 37 -7.26 -6.44 32.58
CA GLY C 37 -8.21 -7.23 31.81
C GLY C 37 -9.65 -6.93 32.16
N GLU C 38 -9.86 -6.44 33.37
CA GLU C 38 -11.22 -6.13 33.80
C GLU C 38 -11.72 -4.90 33.05
N PHE C 39 -13.04 -4.82 32.89
CA PHE C 39 -13.64 -3.88 31.95
C PHE C 39 -15.04 -3.45 32.35
N VAL C 40 -15.50 -2.40 31.68
CA VAL C 40 -16.81 -1.82 31.90
C VAL C 40 -17.41 -1.52 30.54
N ILE C 41 -18.66 -1.88 30.34
CA ILE C 41 -19.39 -1.49 29.15
C ILE C 41 -20.29 -0.34 29.54
N ARG C 42 -20.36 0.70 28.71
CA ARG C 42 -21.06 1.92 29.09
C ARG C 42 -21.50 2.71 27.87
N GLN C 43 -22.43 3.63 28.06
CA GLN C 43 -22.87 4.54 27.00
C GLN C 43 -21.72 5.43 26.53
N SER C 44 -21.76 5.81 25.26
CA SER C 44 -20.80 6.76 24.73
C SER C 44 -21.41 8.15 24.82
N SER C 45 -20.54 9.17 24.84
CA SER C 45 -21.01 10.54 24.88
C SER C 45 -21.18 11.09 23.46
N ARG C 46 -21.03 10.22 22.46
CA ARG C 46 -21.06 10.67 21.08
C ARG C 46 -22.16 10.00 20.26
N GLY C 47 -23.26 9.63 20.93
CA GLY C 47 -24.43 9.13 20.23
C GLY C 47 -25.05 7.88 20.83
N ASP C 48 -26.35 7.72 20.62
CA ASP C 48 -27.06 6.52 21.06
C ASP C 48 -26.72 5.32 20.18
N ASP C 49 -25.97 5.54 19.11
CA ASP C 49 -25.52 4.45 18.25
C ASP C 49 -24.06 4.09 18.54
N HIS C 50 -23.60 4.43 19.74
CA HIS C 50 -22.26 4.05 20.17
C HIS C 50 -22.27 3.60 21.63
N LEU C 51 -21.51 2.55 21.91
CA LEU C 51 -21.20 2.15 23.28
C LEU C 51 -19.70 2.19 23.40
N VAL C 52 -19.20 1.92 24.61
CA VAL C 52 -17.76 1.91 24.84
C VAL C 52 -17.44 0.79 25.80
N ILE C 53 -16.30 0.14 25.58
CA ILE C 53 -15.75 -0.76 26.59
C ILE C 53 -14.46 -0.14 27.09
N THR C 54 -14.44 0.18 28.37
CA THR C 54 -13.24 0.65 29.04
C THR C 54 -12.60 -0.51 29.77
N TRP C 55 -11.32 -0.74 29.55
CA TRP C 55 -10.62 -1.84 30.22
C TRP C 55 -9.27 -1.39 30.75
N LYS C 56 -8.74 -2.13 31.70
CA LYS C 56 -7.51 -1.75 32.39
C LYS C 56 -6.31 -2.51 31.85
N LEU C 57 -5.32 -1.79 31.37
CA LEU C 57 -4.08 -2.38 30.89
C LEU C 57 -3.10 -2.54 32.03
N ASP C 58 -3.03 -1.54 32.89
CA ASP C 58 -2.05 -1.48 33.96
C ASP C 58 -2.46 -0.38 34.93
N LYS C 59 -1.62 -0.08 35.91
CA LYS C 59 -1.91 0.96 36.87
C LYS C 59 -2.09 2.31 36.20
N ASP C 60 -3.26 2.92 36.42
CA ASP C 60 -3.57 4.23 35.85
C ASP C 60 -3.49 4.20 34.33
N LEU C 61 -3.73 3.03 33.75
CA LEU C 61 -3.69 2.88 32.29
C LEU C 61 -4.96 2.19 31.79
N PHE C 62 -5.80 2.97 31.12
CA PHE C 62 -7.09 2.48 30.66
C PHE C 62 -7.30 2.83 29.20
N GLN C 63 -7.92 1.91 28.46
CA GLN C 63 -8.29 2.19 27.07
C GLN C 63 -9.79 2.19 26.92
N HIS C 64 -10.29 3.17 26.18
CA HIS C 64 -11.70 3.25 25.85
C HIS C 64 -11.87 2.83 24.38
N ILE C 65 -12.53 1.70 24.17
CA ILE C 65 -12.74 1.17 22.84
C ILE C 65 -14.14 1.51 22.37
N ASP C 66 -14.23 2.18 21.23
CA ASP C 66 -15.53 2.52 20.66
C ASP C 66 -16.22 1.29 20.07
N ILE C 67 -17.51 1.18 20.33
CA ILE C 67 -18.33 0.15 19.72
C ILE C 67 -19.39 0.83 18.87
N GLN C 68 -19.33 0.57 17.57
CA GLN C 68 -20.29 1.15 16.65
C GLN C 68 -21.46 0.20 16.46
N GLU C 69 -22.64 0.64 16.87
CA GLU C 69 -23.85 -0.14 16.67
C GLU C 69 -24.42 0.06 15.28
N LEU C 70 -24.79 -1.05 14.64
CA LEU C 70 -25.46 -1.01 13.34
C LEU C 70 -26.69 -1.89 13.42
N GLU C 71 -27.66 -1.61 12.56
CA GLU C 71 -28.89 -2.40 12.50
C GLU C 71 -29.65 -2.36 13.84
N LYS C 72 -29.88 -1.16 14.33
CA LYS C 72 -30.71 -0.96 15.52
C LYS C 72 -32.16 -0.87 15.12
N GLU C 73 -33.03 -1.59 15.83
CA GLU C 73 -34.46 -1.51 15.58
C GLU C 73 -34.93 -0.10 15.95
N ASN C 74 -34.47 0.39 17.10
CA ASN C 74 -34.74 1.76 17.51
C ASN C 74 -33.51 2.35 18.22
N PRO C 75 -33.51 3.68 18.41
CA PRO C 75 -32.35 4.38 19.00
C PRO C 75 -31.90 3.79 20.34
N LEU C 76 -32.80 3.15 21.06
CA LEU C 76 -32.49 2.62 22.38
C LEU C 76 -32.08 1.16 22.34
N ALA C 77 -32.49 0.45 21.29
CA ALA C 77 -32.18 -0.96 21.15
C ALA C 77 -30.71 -1.18 20.79
N LEU C 78 -30.10 -2.19 21.37
CA LEU C 78 -28.73 -2.56 21.04
C LEU C 78 -28.65 -3.04 19.60
N GLY C 79 -27.69 -2.53 18.85
CA GLY C 79 -27.55 -2.90 17.44
C GLY C 79 -27.35 -4.39 17.29
N LYS C 80 -27.87 -4.94 16.19
CA LYS C 80 -27.73 -6.35 15.90
C LYS C 80 -26.31 -6.66 15.44
N VAL C 81 -25.66 -5.67 14.85
CA VAL C 81 -24.28 -5.81 14.41
C VAL C 81 -23.43 -4.77 15.13
N LEU C 82 -22.29 -5.20 15.67
CA LEU C 82 -21.42 -4.32 16.44
C LEU C 82 -20.03 -4.33 15.85
N ILE C 83 -19.47 -3.13 15.64
CA ILE C 83 -18.17 -2.99 15.01
C ILE C 83 -17.16 -2.48 16.02
N VAL C 84 -16.10 -3.27 16.23
CA VAL C 84 -15.01 -2.86 17.11
C VAL C 84 -13.70 -2.95 16.34
N ASP C 85 -12.98 -1.83 16.28
CA ASP C 85 -11.72 -1.77 15.57
C ASP C 85 -11.87 -2.30 14.14
N ASN C 86 -12.93 -1.85 13.46
CA ASN C 86 -13.18 -2.23 12.08
C ASN C 86 -13.40 -3.73 11.90
N GLN C 87 -13.88 -4.38 12.96
CA GLN C 87 -14.19 -5.81 12.90
C GLN C 87 -15.61 -6.08 13.37
N LYS C 88 -16.24 -7.09 12.80
CA LYS C 88 -17.66 -7.35 13.04
C LYS C 88 -17.90 -8.36 14.15
N TYR C 89 -18.84 -8.03 15.03
CA TYR C 89 -19.25 -8.92 16.10
C TYR C 89 -20.77 -8.90 16.20
N ASN C 90 -21.35 -9.96 16.75
CA ASN C 90 -22.79 -10.12 16.75
C ASN C 90 -23.43 -9.71 18.07
N ASP C 91 -22.63 -9.66 19.12
CA ASP C 91 -23.12 -9.27 20.43
C ASP C 91 -21.98 -8.97 21.39
N LEU C 92 -22.33 -8.43 22.56
CA LEU C 92 -21.33 -7.99 23.53
C LEU C 92 -20.46 -9.14 24.02
N ASP C 93 -21.07 -10.31 24.22
CA ASP C 93 -20.33 -11.47 24.69
C ASP C 93 -19.25 -11.87 23.71
N GLN C 94 -19.53 -11.74 22.42
CA GLN C 94 -18.54 -12.13 21.44
C GLN C 94 -17.39 -11.14 21.47
N ILE C 95 -17.69 -9.87 21.70
CA ILE C 95 -16.65 -8.85 21.78
C ILE C 95 -15.72 -9.14 22.96
N ILE C 96 -16.30 -9.50 24.10
CA ILE C 96 -15.52 -9.74 25.31
C ILE C 96 -14.61 -10.94 25.13
N VAL C 97 -15.16 -12.01 24.57
CA VAL C 97 -14.43 -13.28 24.46
C VAL C 97 -13.41 -13.27 23.31
N GLU C 98 -13.84 -12.81 22.14
CA GLU C 98 -13.00 -12.89 20.95
C GLU C 98 -12.10 -11.67 20.77
N TYR C 99 -12.61 -10.48 21.04
CA TYR C 99 -11.79 -9.29 20.91
C TYR C 99 -10.96 -9.04 22.17
N LEU C 100 -11.63 -8.72 23.28
CA LEU C 100 -10.94 -8.26 24.49
C LEU C 100 -10.01 -9.30 25.08
N GLN C 101 -10.51 -10.52 25.25
CA GLN C 101 -9.72 -11.55 25.92
C GLN C 101 -8.44 -11.85 25.14
N ASN C 102 -8.50 -11.76 23.82
CA ASN C 102 -7.31 -11.96 23.01
C ASN C 102 -6.35 -10.78 23.14
N LYS C 103 -6.90 -9.58 23.21
CA LYS C 103 -6.07 -8.39 23.36
C LYS C 103 -5.33 -8.43 24.70
N VAL C 104 -6.01 -8.91 25.74
CA VAL C 104 -5.41 -9.05 27.07
C VAL C 104 -4.34 -10.14 27.07
N ARG C 105 -4.63 -11.23 26.38
CA ARG C 105 -3.65 -12.31 26.20
C ARG C 105 -2.36 -11.78 25.57
N LEU C 106 -2.49 -10.92 24.57
CA LEU C 106 -1.33 -10.39 23.86
C LEU C 106 -0.61 -9.33 24.69
N LEU C 107 -1.35 -8.61 25.52
CA LEU C 107 -0.74 -7.68 26.45
C LEU C 107 0.14 -8.47 27.42
N ASN C 108 -0.42 -9.50 28.02
CA ASN C 108 0.31 -10.36 28.96
C ASN C 108 1.52 -11.00 28.34
N GLU C 109 1.40 -11.41 27.08
CA GLU C 109 2.52 -12.04 26.40
C GLU C 109 3.66 -11.05 26.29
N MET C 110 3.34 -9.80 26.00
CA MET C 110 4.36 -8.75 25.84
C MET C 110 5.04 -8.43 27.16
N THR C 111 4.26 -8.17 28.22
CA THR C 111 4.85 -7.68 29.47
C THR C 111 5.60 -8.79 30.22
N SER C 112 5.37 -10.04 29.86
CA SER C 112 6.12 -11.14 30.47
C SER C 112 7.31 -11.50 29.59
N SER C 113 7.48 -10.76 28.50
CA SER C 113 8.59 -10.96 27.58
C SER C 113 9.91 -10.45 28.16
N GLU C 114 11.01 -11.08 27.79
CA GLU C 114 12.32 -10.66 28.26
C GLU C 114 12.76 -9.36 27.57
N LYS C 115 11.98 -8.92 26.60
CA LYS C 115 12.24 -7.68 25.88
C LYS C 115 11.40 -6.52 26.38
N PHE C 116 10.60 -6.75 27.41
CA PHE C 116 9.75 -5.69 27.98
C PHE C 116 10.35 -5.14 29.27
N LYS C 117 10.33 -3.82 29.40
CA LYS C 117 10.85 -3.16 30.59
C LYS C 117 9.73 -2.36 31.26
N SER C 118 9.41 -2.73 32.49
CA SER C 118 8.35 -2.07 33.25
C SER C 118 8.78 -0.68 33.71
N GLY C 119 7.83 0.14 34.12
CA GLY C 119 8.13 1.44 34.68
C GLY C 119 7.76 2.59 33.75
N THR C 120 7.98 3.81 34.24
CA THR C 120 7.68 5.01 33.46
C THR C 120 8.71 5.26 32.38
N LYS C 121 8.43 6.23 31.54
CA LYS C 121 9.32 6.63 30.47
C LYS C 121 10.72 6.93 31.03
N LYS C 122 10.76 7.65 32.14
CA LYS C 122 12.03 8.02 32.76
C LYS C 122 12.79 6.80 33.26
N ASP C 123 12.08 5.85 33.89
CA ASP C 123 12.69 4.63 34.38
C ASP C 123 13.29 3.84 33.24
N VAL C 124 12.56 3.76 32.13
CA VAL C 124 13.00 2.95 31.00
C VAL C 124 14.21 3.58 30.31
N VAL C 125 14.18 4.88 30.09
CA VAL C 125 15.30 5.55 29.43
C VAL C 125 16.56 5.35 30.27
N LYS C 126 16.43 5.52 31.58
CA LYS C 126 17.55 5.36 32.50
C LYS C 126 18.12 3.94 32.44
N PHE C 127 17.24 2.94 32.38
CA PHE C 127 17.70 1.57 32.36
C PHE C 127 18.47 1.30 31.06
N ILE C 128 17.97 1.82 29.95
CA ILE C 128 18.61 1.61 28.66
C ILE C 128 19.99 2.25 28.63
N GLU C 129 20.13 3.40 29.28
CA GLU C 129 21.40 4.11 29.31
C GLU C 129 22.40 3.40 30.20
N ASP C 130 21.92 2.81 31.31
CA ASP C 130 22.77 2.07 32.22
C ASP C 130 23.24 0.76 31.58
N TYR C 131 22.32 0.08 30.93
CA TYR C 131 22.62 -1.19 30.29
C TYR C 131 23.65 -1.02 29.17
N SER C 132 23.48 0.02 28.36
CA SER C 132 24.34 0.23 27.21
C SER C 132 25.71 0.75 27.64
N ARG C 133 25.78 1.32 28.85
CA ARG C 133 27.04 1.83 29.37
C ARG C 133 27.98 0.69 29.74
N VAL C 134 27.42 -0.43 30.20
CA VAL C 134 28.22 -1.61 30.54
C VAL C 134 28.34 -2.55 29.34
N ASN C 135 27.69 -2.19 28.23
CA ASN C 135 27.78 -2.93 26.99
C ASN C 135 27.87 -1.95 25.82
N PRO C 136 28.91 -1.11 25.83
CA PRO C 136 29.02 0.03 24.90
C PRO C 136 28.90 -0.35 23.43
N ASN C 137 29.25 -1.58 23.07
CA ASN C 137 29.28 -1.98 21.67
C ASN C 137 28.09 -2.85 21.24
N LYS C 138 27.16 -3.07 22.16
CA LYS C 138 25.98 -3.89 21.86
C LYS C 138 24.77 -3.04 21.50
N SER C 139 24.05 -3.46 20.47
CA SER C 139 22.76 -2.87 20.18
C SER C 139 21.79 -3.38 21.24
N VAL C 140 20.86 -2.54 21.66
CA VAL C 140 19.91 -2.91 22.69
C VAL C 140 18.56 -2.26 22.40
N TYR C 141 17.48 -2.99 22.69
CA TYR C 141 16.15 -2.41 22.56
C TYR C 141 15.21 -3.02 23.58
N TYR C 142 14.17 -2.27 23.91
CA TYR C 142 13.17 -2.73 24.86
C TYR C 142 11.82 -2.12 24.52
N PHE C 143 10.76 -2.88 24.80
CA PHE C 143 9.41 -2.37 24.72
C PHE C 143 9.00 -1.84 26.08
N SER C 144 8.07 -0.90 26.09
CA SER C 144 7.52 -0.38 27.33
C SER C 144 6.12 0.17 27.04
N LEU C 145 5.30 0.30 28.07
CA LEU C 145 3.93 0.78 27.87
C LEU C 145 3.90 2.28 27.59
N ASN C 146 3.13 2.68 26.58
CA ASN C 146 2.92 4.08 26.26
C ASN C 146 1.72 4.62 27.04
N HIS C 147 1.99 5.37 28.11
CA HIS C 147 0.92 5.86 28.98
C HIS C 147 0.16 7.04 28.39
N ASP C 148 0.79 7.75 27.45
CA ASP C 148 0.12 8.88 26.80
C ASP C 148 -0.90 8.41 25.77
N ASN C 149 -0.69 7.22 25.22
CA ASN C 149 -1.59 6.68 24.20
C ASN C 149 -1.92 5.21 24.49
N PRO C 150 -2.93 4.99 25.34
CA PRO C 150 -3.26 3.64 25.83
C PRO C 150 -3.50 2.64 24.71
N GLY C 151 -2.84 1.49 24.80
CA GLY C 151 -2.98 0.46 23.77
C GLY C 151 -1.76 0.41 22.88
N TRP C 152 -0.80 1.29 23.13
CA TRP C 152 0.45 1.32 22.35
C TRP C 152 1.65 1.01 23.24
N PHE C 153 2.73 0.53 22.62
CA PHE C 153 4.02 0.36 23.29
C PHE C 153 5.06 1.25 22.62
N TYR C 154 6.05 1.70 23.39
CA TYR C 154 7.25 2.28 22.81
C TYR C 154 8.23 1.16 22.55
N LEU C 155 8.96 1.26 21.44
CA LEU C 155 10.07 0.38 21.15
C LEU C 155 11.29 1.27 21.02
N MET C 156 12.14 1.27 22.05
CA MET C 156 13.31 2.12 22.06
C MET C 156 14.56 1.33 21.72
N PHE C 157 15.41 1.92 20.89
CA PHE C 157 16.53 1.20 20.30
C PHE C 157 17.78 2.08 20.19
N LYS C 158 18.92 1.53 20.62
CA LYS C 158 20.23 2.13 20.40
C LYS C 158 21.13 1.09 19.74
N ILE C 159 21.70 1.41 18.58
CA ILE C 159 22.56 0.46 17.89
C ILE C 159 23.86 0.29 18.68
N ASN C 160 24.24 1.35 19.40
CA ASN C 160 25.34 1.27 20.36
C ASN C 160 25.28 2.43 21.35
N ALA C 161 26.21 2.46 22.28
CA ALA C 161 26.13 3.39 23.41
C ALA C 161 26.33 4.84 23.00
N ASN C 162 27.01 5.07 21.89
CA ASN C 162 27.26 6.43 21.41
C ASN C 162 26.05 7.01 20.67
N SER C 163 25.10 6.14 20.32
CA SER C 163 23.93 6.55 19.56
C SER C 163 22.84 7.08 20.46
N LYS C 164 22.12 8.09 19.99
CA LYS C 164 20.92 8.56 20.68
C LYS C 164 19.82 7.53 20.47
N LEU C 165 18.90 7.46 21.42
CA LEU C 165 17.76 6.55 21.35
C LEU C 165 16.89 6.90 20.14
N TYR C 166 16.34 5.89 19.48
CA TYR C 166 15.30 6.10 18.49
C TYR C 166 14.08 5.27 18.87
N THR C 167 12.89 5.83 18.68
CA THR C 167 11.66 5.18 19.17
C THR C 167 10.71 4.86 18.04
N TRP C 168 10.28 3.61 18.00
CA TRP C 168 9.20 3.16 17.12
C TRP C 168 7.97 2.97 17.98
N ASN C 169 6.81 3.06 17.35
CA ASN C 169 5.56 2.88 18.06
C ASN C 169 4.88 1.58 17.61
N VAL C 170 4.51 0.76 18.58
CA VAL C 170 3.89 -0.52 18.31
C VAL C 170 2.47 -0.52 18.84
N LYS C 171 1.51 -0.89 18.00
CA LYS C 171 0.12 -0.90 18.42
C LYS C 171 -0.34 -2.30 18.81
N LEU C 172 -0.91 -2.41 20.01
CA LEU C 172 -1.53 -3.65 20.45
C LEU C 172 -2.87 -3.82 19.76
N THR C 173 -3.08 -4.95 19.08
CA THR C 173 -4.38 -5.27 18.50
C THR C 173 -4.85 -6.60 19.07
N ASN C 174 -6.07 -7.00 18.72
CA ASN C 174 -6.61 -8.27 19.20
C ASN C 174 -6.01 -9.48 18.49
N THR C 175 -5.26 -9.25 17.41
CA THR C 175 -4.66 -10.35 16.65
C THR C 175 -3.13 -10.34 16.65
N GLY C 176 -2.52 -9.31 17.23
CA GLY C 176 -1.07 -9.24 17.29
C GLY C 176 -0.53 -7.85 17.56
N TYR C 177 0.68 -7.59 17.08
CA TYR C 177 1.37 -6.33 17.34
C TYR C 177 1.68 -5.65 16.03
N PHE C 178 1.18 -4.43 15.85
CA PHE C 178 1.36 -3.72 14.59
C PHE C 178 2.57 -2.81 14.65
N LEU C 179 3.50 -3.01 13.73
CA LEU C 179 4.71 -2.21 13.67
C LEU C 179 4.96 -1.73 12.24
N VAL C 180 4.84 -0.42 12.05
CA VAL C 180 5.11 0.25 10.78
C VAL C 180 4.04 -0.08 9.74
N ASN C 181 4.02 -1.31 9.25
CA ASN C 181 3.02 -1.71 8.27
C ASN C 181 2.66 -3.19 8.30
N TYR C 182 3.09 -3.89 9.34
CA TYR C 182 2.81 -5.32 9.47
C TYR C 182 2.27 -5.66 10.84
N ASN C 183 1.32 -6.59 10.88
CA ASN C 183 0.83 -7.16 12.12
C ASN C 183 1.54 -8.48 12.39
N TYR C 184 2.33 -8.52 13.46
CA TYR C 184 3.05 -9.72 13.86
C TYR C 184 2.25 -10.50 14.91
N PRO C 185 2.10 -11.82 14.71
CA PRO C 185 1.20 -12.62 15.55
C PRO C 185 1.74 -12.94 16.94
N SER C 186 3.02 -12.68 17.18
CA SER C 186 3.61 -12.98 18.48
C SER C 186 4.79 -12.09 18.74
N VAL C 187 5.24 -12.04 20.00
CA VAL C 187 6.35 -11.18 20.38
C VAL C 187 7.63 -11.66 19.70
N ILE C 188 7.81 -12.98 19.62
CA ILE C 188 8.97 -13.53 18.93
C ILE C 188 8.99 -13.14 17.45
N GLN C 189 7.82 -13.20 16.81
CA GLN C 189 7.71 -12.78 15.41
C GLN C 189 8.02 -11.29 15.29
N LEU C 190 7.47 -10.51 16.20
CA LEU C 190 7.64 -9.07 16.20
C LEU C 190 9.12 -8.71 16.28
N CYS C 191 9.85 -9.38 17.18
CA CYS C 191 11.26 -9.09 17.39
C CYS C 191 12.11 -9.45 16.17
N ASN C 192 11.75 -10.56 15.52
CA ASN C 192 12.47 -10.98 14.32
C ASN C 192 12.20 -10.04 13.15
N GLY C 193 11.00 -9.45 13.14
CA GLY C 193 10.63 -8.50 12.11
C GLY C 193 11.39 -7.21 12.26
N PHE C 194 11.55 -6.77 13.51
CA PHE C 194 12.25 -5.53 13.80
C PHE C 194 13.75 -5.66 13.56
N LYS C 195 14.33 -6.77 14.01
CA LYS C 195 15.76 -7.01 13.87
C LYS C 195 16.09 -8.51 13.91
N THR C 196 16.73 -8.99 12.84
CA THR C 196 17.02 -10.41 12.71
C THR C 196 18.19 -10.81 13.59
N ARG D 12 13.61 39.86 2.56
CA ARG D 12 14.11 38.71 1.81
C ARG D 12 14.19 39.01 0.31
N VAL D 13 15.30 38.62 -0.30
CA VAL D 13 15.55 38.93 -1.71
C VAL D 13 15.71 37.68 -2.56
N ILE D 14 14.89 37.59 -3.61
CA ILE D 14 15.03 36.54 -4.60
C ILE D 14 15.06 37.17 -5.98
N ASN D 15 16.19 37.02 -6.67
CA ASN D 15 16.36 37.60 -8.00
C ASN D 15 15.73 36.73 -9.08
N HIS D 16 14.41 36.71 -9.10
CA HIS D 16 13.67 36.03 -10.15
C HIS D 16 12.55 36.96 -10.60
N PRO D 17 12.40 37.15 -11.92
CA PRO D 17 11.49 38.19 -12.43
C PRO D 17 10.04 37.97 -12.02
N TYR D 18 9.68 36.75 -11.66
CA TYR D 18 8.30 36.42 -11.27
C TYR D 18 8.13 36.25 -9.77
N TYR D 19 9.13 36.63 -8.99
CA TYR D 19 8.98 36.63 -7.54
C TYR D 19 8.50 37.99 -7.03
N PHE D 20 7.53 37.97 -6.12
CA PHE D 20 7.02 39.20 -5.53
C PHE D 20 6.59 38.93 -4.09
N PRO D 21 6.64 39.96 -3.24
CA PRO D 21 6.30 39.77 -1.83
C PRO D 21 4.78 39.85 -1.60
N PHE D 22 4.03 38.99 -2.30
CA PHE D 22 2.59 38.88 -2.11
C PHE D 22 2.27 37.78 -1.09
N ASN D 23 1.17 37.94 -0.36
CA ASN D 23 0.60 36.82 0.37
C ASN D 23 -0.40 36.12 -0.55
N GLY D 24 -1.16 35.17 -0.01
CA GLY D 24 -2.10 34.42 -0.82
C GLY D 24 -3.15 35.26 -1.53
N ARG D 25 -3.86 36.08 -0.77
CA ARG D 25 -4.93 36.91 -1.31
C ARG D 25 -4.40 37.87 -2.36
N GLN D 26 -3.27 38.49 -2.08
CA GLN D 26 -2.68 39.47 -2.98
C GLN D 26 -2.24 38.84 -4.29
N ALA D 27 -1.74 37.61 -4.23
CA ALA D 27 -1.27 36.94 -5.46
C ALA D 27 -2.47 36.65 -6.34
N GLU D 28 -3.55 36.14 -5.76
CA GLU D 28 -4.78 35.89 -6.50
C GLU D 28 -5.29 37.16 -7.17
N ASP D 29 -5.37 38.25 -6.39
CA ASP D 29 -5.88 39.52 -6.90
C ASP D 29 -5.02 40.02 -8.04
N TYR D 30 -3.72 39.77 -7.96
CA TYR D 30 -2.81 40.14 -9.04
C TYR D 30 -3.13 39.35 -10.31
N LEU D 31 -3.41 38.07 -10.15
CA LEU D 31 -3.63 37.19 -11.29
C LEU D 31 -5.03 37.34 -11.89
N ARG D 32 -5.91 38.07 -11.22
CA ARG D 32 -7.27 38.24 -11.71
C ARG D 32 -7.28 38.90 -13.09
N SER D 33 -6.36 39.83 -13.31
CA SER D 33 -6.29 40.54 -14.59
C SER D 33 -5.39 39.84 -15.60
N LYS D 34 -4.89 38.67 -15.23
CA LYS D 34 -3.97 37.92 -16.09
C LYS D 34 -4.68 36.83 -16.87
N GLU D 35 -4.00 36.28 -17.86
CA GLU D 35 -4.51 35.14 -18.62
C GLU D 35 -4.22 33.84 -17.90
N ARG D 36 -4.85 32.77 -18.36
CA ARG D 36 -4.61 31.44 -17.81
C ARG D 36 -3.14 31.08 -17.95
N GLY D 37 -2.60 30.44 -16.93
CA GLY D 37 -1.22 29.97 -16.95
C GLY D 37 -0.28 30.95 -16.28
N GLU D 38 -0.61 32.23 -16.28
CA GLU D 38 0.22 33.22 -15.62
C GLU D 38 0.32 32.89 -14.13
N PHE D 39 1.43 33.28 -13.52
CA PHE D 39 1.74 32.84 -12.17
C PHE D 39 2.61 33.84 -11.41
N VAL D 40 2.74 33.60 -10.11
CA VAL D 40 3.60 34.39 -9.26
C VAL D 40 4.32 33.46 -8.29
N ILE D 41 5.57 33.81 -7.97
CA ILE D 41 6.33 33.13 -6.94
C ILE D 41 6.33 34.03 -5.72
N ARG D 42 6.13 33.46 -4.54
CA ARG D 42 5.96 34.27 -3.34
C ARG D 42 6.36 33.50 -2.09
N GLN D 43 6.49 34.23 -0.99
CA GLN D 43 6.78 33.61 0.30
C GLN D 43 5.52 32.96 0.85
N SER D 44 5.70 31.92 1.65
CA SER D 44 4.59 31.24 2.31
C SER D 44 4.38 31.83 3.69
N SER D 45 3.23 31.54 4.29
CA SER D 45 2.96 31.95 5.66
C SER D 45 3.34 30.84 6.64
N ARG D 46 3.60 29.65 6.12
CA ARG D 46 4.03 28.51 6.94
C ARG D 46 5.31 28.84 7.68
N GLY D 47 6.32 29.29 6.93
CA GLY D 47 7.62 29.61 7.51
C GLY D 47 8.55 30.15 6.44
N ASP D 48 9.75 30.56 6.86
CA ASP D 48 10.70 31.14 5.93
C ASP D 48 11.43 30.08 5.10
N ASP D 49 11.02 28.82 5.26
CA ASP D 49 11.58 27.74 4.45
C ASP D 49 10.56 27.18 3.47
N HIS D 50 9.53 27.98 3.16
CA HIS D 50 8.53 27.59 2.18
C HIS D 50 8.24 28.74 1.23
N LEU D 51 8.03 28.40 -0.03
CA LEU D 51 7.59 29.35 -1.04
C LEU D 51 6.31 28.82 -1.66
N VAL D 52 5.68 29.61 -2.52
CA VAL D 52 4.47 29.20 -3.19
C VAL D 52 4.50 29.71 -4.62
N ILE D 53 3.98 28.91 -5.54
CA ILE D 53 3.67 29.42 -6.86
C ILE D 53 2.17 29.41 -7.00
N THR D 54 1.58 30.60 -7.07
CA THR D 54 0.16 30.75 -7.33
C THR D 54 -0.03 30.96 -8.83
N TRP D 55 -0.95 30.22 -9.44
CA TRP D 55 -1.21 30.39 -10.87
C TRP D 55 -2.69 30.31 -11.18
N LYS D 56 -3.07 30.81 -12.34
CA LYS D 56 -4.48 30.99 -12.66
C LYS D 56 -4.96 29.93 -13.65
N LEU D 57 -5.96 29.16 -13.22
CA LEU D 57 -6.59 28.17 -14.07
C LEU D 57 -7.70 28.79 -14.90
N ASP D 58 -8.47 29.67 -14.28
CA ASP D 58 -9.61 30.31 -14.94
C ASP D 58 -10.09 31.51 -14.13
N LYS D 59 -11.12 32.17 -14.61
CA LYS D 59 -11.71 33.29 -13.90
C LYS D 59 -11.97 32.88 -12.45
N ASP D 60 -11.38 33.62 -11.52
CA ASP D 60 -11.53 33.38 -10.08
C ASP D 60 -11.19 31.95 -9.67
N LEU D 61 -10.24 31.34 -10.36
CA LEU D 61 -9.80 29.99 -10.03
C LEU D 61 -8.28 29.93 -10.01
N PHE D 62 -7.73 29.76 -8.81
CA PHE D 62 -6.29 29.80 -8.63
C PHE D 62 -5.83 28.60 -7.81
N GLN D 63 -4.64 28.11 -8.13
CA GLN D 63 -4.03 27.04 -7.38
C GLN D 63 -2.73 27.51 -6.75
N HIS D 64 -2.55 27.15 -5.48
CA HIS D 64 -1.32 27.47 -4.77
C HIS D 64 -0.48 26.21 -4.61
N ILE D 65 0.76 26.27 -5.11
CA ILE D 65 1.66 25.13 -5.08
C ILE D 65 2.74 25.31 -4.03
N ASP D 66 2.75 24.45 -3.02
CA ASP D 66 3.75 24.54 -1.96
C ASP D 66 5.12 24.10 -2.45
N ILE D 67 6.13 24.91 -2.17
CA ILE D 67 7.51 24.58 -2.50
C ILE D 67 8.31 24.57 -1.20
N GLN D 68 8.87 23.41 -0.85
CA GLN D 68 9.66 23.33 0.37
C GLN D 68 11.13 23.60 0.03
N GLU D 69 11.76 24.45 0.83
CA GLU D 69 13.17 24.77 0.66
C GLU D 69 14.04 23.96 1.59
N LEU D 70 15.09 23.38 1.03
CA LEU D 70 16.08 22.65 1.80
C LEU D 70 17.46 23.17 1.42
N GLU D 71 18.42 23.00 2.31
CA GLU D 71 19.78 23.45 2.08
C GLU D 71 19.85 24.95 1.82
N LYS D 72 19.23 25.70 2.72
CA LYS D 72 19.36 27.15 2.73
C LYS D 72 20.64 27.50 3.48
N GLU D 73 21.45 28.40 2.91
CA GLU D 73 22.68 28.82 3.57
C GLU D 73 22.34 29.59 4.83
N ASN D 74 21.25 30.34 4.79
CA ASN D 74 20.72 31.04 5.95
C ASN D 74 19.22 31.25 5.80
N PRO D 75 18.55 31.79 6.84
CA PRO D 75 17.10 31.93 6.79
C PRO D 75 16.58 32.71 5.58
N LEU D 76 17.36 33.64 5.05
CA LEU D 76 16.91 34.49 3.94
C LEU D 76 17.37 33.99 2.58
N ALA D 77 18.27 33.02 2.56
CA ALA D 77 18.81 32.52 1.30
C ALA D 77 17.89 31.50 0.64
N LEU D 78 17.88 31.49 -0.69
CA LEU D 78 17.12 30.52 -1.45
C LEU D 78 17.76 29.13 -1.32
N GLY D 79 16.96 28.13 -0.96
CA GLY D 79 17.46 26.78 -0.79
C GLY D 79 17.98 26.18 -2.07
N LYS D 80 19.03 25.37 -1.95
CA LYS D 80 19.65 24.73 -3.11
C LYS D 80 18.77 23.60 -3.64
N VAL D 81 17.93 23.06 -2.77
CA VAL D 81 17.04 21.97 -3.12
C VAL D 81 15.60 22.38 -2.86
N LEU D 82 14.73 22.19 -3.84
CA LEU D 82 13.33 22.58 -3.73
C LEU D 82 12.43 21.38 -3.95
N ILE D 83 11.43 21.22 -3.10
CA ILE D 83 10.55 20.07 -3.18
C ILE D 83 9.13 20.50 -3.56
N VAL D 84 8.60 19.90 -4.61
CA VAL D 84 7.22 20.14 -5.02
C VAL D 84 6.52 18.80 -5.25
N ASP D 85 5.39 18.59 -4.57
CA ASP D 85 4.69 17.32 -4.63
C ASP D 85 5.66 16.17 -4.35
N ASN D 86 6.52 16.36 -3.36
CA ASN D 86 7.46 15.33 -2.92
C ASN D 86 8.48 14.93 -4.00
N GLN D 87 8.68 15.80 -4.98
CA GLN D 87 9.67 15.58 -6.02
C GLN D 87 10.77 16.63 -5.89
N LYS D 88 12.00 16.24 -6.20
CA LYS D 88 13.14 17.13 -6.05
C LYS D 88 13.36 17.98 -7.29
N TYR D 89 13.64 19.26 -7.08
CA TYR D 89 13.99 20.19 -8.15
C TYR D 89 15.22 20.98 -7.70
N ASN D 90 15.99 21.47 -8.67
CA ASN D 90 17.23 22.19 -8.37
C ASN D 90 17.05 23.70 -8.31
N ASP D 91 16.09 24.24 -9.06
CA ASP D 91 15.84 25.69 -9.05
C ASP D 91 14.41 26.05 -9.47
N LEU D 92 14.05 27.32 -9.28
CA LEU D 92 12.71 27.80 -9.59
C LEU D 92 12.37 27.62 -11.06
N ASP D 93 13.32 27.89 -11.93
CA ASP D 93 13.11 27.79 -13.37
C ASP D 93 12.75 26.36 -13.78
N GLN D 94 13.32 25.38 -13.11
CA GLN D 94 13.02 23.99 -13.43
C GLN D 94 11.59 23.65 -13.03
N ILE D 95 11.14 24.21 -11.91
CA ILE D 95 9.77 23.98 -11.45
C ILE D 95 8.79 24.58 -12.45
N ILE D 96 9.10 25.78 -12.94
CA ILE D 96 8.23 26.47 -13.87
C ILE D 96 8.12 25.70 -15.19
N VAL D 97 9.24 25.20 -15.68
CA VAL D 97 9.26 24.51 -16.97
C VAL D 97 8.68 23.10 -16.89
N GLU D 98 9.15 22.33 -15.92
CA GLU D 98 8.85 20.90 -15.85
C GLU D 98 7.54 20.58 -15.13
N TYR D 99 7.16 21.42 -14.18
CA TYR D 99 5.94 21.18 -13.42
C TYR D 99 4.80 22.06 -13.93
N LEU D 100 4.92 23.36 -13.73
CA LEU D 100 3.84 24.29 -14.02
C LEU D 100 3.45 24.31 -15.49
N GLN D 101 4.43 24.46 -16.38
CA GLN D 101 4.13 24.65 -17.79
C GLN D 101 3.43 23.44 -18.39
N ASN D 102 3.75 22.25 -17.89
CA ASN D 102 3.08 21.04 -18.34
C ASN D 102 1.63 21.00 -17.86
N LYS D 103 1.40 21.49 -16.65
CA LYS D 103 0.04 21.57 -16.11
C LYS D 103 -0.80 22.52 -16.96
N VAL D 104 -0.21 23.63 -17.39
CA VAL D 104 -0.93 24.63 -18.18
C VAL D 104 -1.21 24.09 -19.58
N ARG D 105 -0.22 23.42 -20.17
CA ARG D 105 -0.39 22.81 -21.48
C ARG D 105 -1.54 21.81 -21.43
N LEU D 106 -1.59 21.02 -20.36
CA LEU D 106 -2.63 20.01 -20.21
C LEU D 106 -3.98 20.64 -19.89
N LEU D 107 -3.97 21.75 -19.16
CA LEU D 107 -5.21 22.46 -18.88
C LEU D 107 -5.82 22.95 -20.19
N ASN D 108 -5.01 23.62 -21.01
CA ASN D 108 -5.46 24.16 -22.28
C ASN D 108 -5.98 23.08 -23.21
N GLU D 109 -5.31 21.94 -23.24
CA GLU D 109 -5.72 20.82 -24.07
C GLU D 109 -7.12 20.37 -23.67
N MET D 110 -7.39 20.40 -22.37
CA MET D 110 -8.70 19.97 -21.86
C MET D 110 -9.78 20.97 -22.21
N THR D 111 -9.48 22.25 -22.04
CA THR D 111 -10.43 23.33 -22.30
C THR D 111 -10.78 23.45 -23.78
N SER D 112 -9.84 23.13 -24.64
CA SER D 112 -10.04 23.23 -26.08
C SER D 112 -10.74 21.99 -26.62
N SER D 113 -10.92 21.00 -25.75
CA SER D 113 -11.60 19.77 -26.12
C SER D 113 -13.08 20.02 -26.37
N GLU D 114 -13.66 19.26 -27.29
CA GLU D 114 -15.10 19.35 -27.57
C GLU D 114 -15.92 18.74 -26.43
N LYS D 115 -15.25 18.06 -25.52
CA LYS D 115 -15.94 17.41 -24.42
C LYS D 115 -15.91 18.24 -23.14
N PHE D 116 -15.31 19.43 -23.22
CA PHE D 116 -15.29 20.33 -22.07
C PHE D 116 -16.44 21.34 -22.14
N LYS D 117 -17.19 21.44 -21.06
CA LYS D 117 -18.32 22.35 -20.96
C LYS D 117 -18.04 23.47 -19.98
N SER D 118 -17.89 24.69 -20.48
CA SER D 118 -17.62 25.84 -19.62
C SER D 118 -18.85 26.19 -18.78
N GLY D 119 -18.65 26.96 -17.72
CA GLY D 119 -19.74 27.42 -16.89
C GLY D 119 -19.68 26.87 -15.48
N THR D 120 -20.57 27.37 -14.62
CA THR D 120 -20.63 26.93 -13.23
C THR D 120 -21.19 25.53 -13.11
N LYS D 121 -21.14 24.99 -11.90
CA LYS D 121 -21.72 23.69 -11.60
C LYS D 121 -23.19 23.67 -12.01
N LYS D 122 -23.91 24.74 -11.68
CA LYS D 122 -25.32 24.86 -11.98
C LYS D 122 -25.57 24.82 -13.49
N ASP D 123 -24.79 25.59 -14.24
CA ASP D 123 -24.90 25.63 -15.69
C ASP D 123 -24.70 24.25 -16.31
N VAL D 124 -23.66 23.54 -15.86
CA VAL D 124 -23.29 22.28 -16.47
C VAL D 124 -24.33 21.20 -16.17
N VAL D 125 -24.83 21.16 -14.94
CA VAL D 125 -25.85 20.19 -14.57
C VAL D 125 -27.12 20.38 -15.40
N LYS D 126 -27.49 21.64 -15.62
CA LYS D 126 -28.70 21.96 -16.39
C LYS D 126 -28.53 21.58 -17.86
N PHE D 127 -27.35 21.84 -18.40
CA PHE D 127 -27.08 21.53 -19.80
C PHE D 127 -27.12 20.03 -20.05
N ILE D 128 -26.54 19.25 -19.13
CA ILE D 128 -26.50 17.81 -19.27
C ILE D 128 -27.89 17.21 -19.13
N GLU D 129 -28.69 17.77 -18.23
CA GLU D 129 -30.08 17.34 -18.06
C GLU D 129 -30.88 17.64 -19.32
N ASP D 130 -30.83 18.89 -19.78
CA ASP D 130 -31.58 19.30 -20.97
C ASP D 130 -31.21 18.44 -22.16
N TYR D 131 -29.90 18.24 -22.35
CA TYR D 131 -29.39 17.42 -23.44
C TYR D 131 -30.00 16.02 -23.42
N SER D 132 -30.05 15.40 -22.24
CA SER D 132 -30.54 14.04 -22.11
C SER D 132 -32.07 13.97 -22.23
N ARG D 133 -32.75 15.07 -21.91
CA ARG D 133 -34.19 15.14 -22.07
C ARG D 133 -34.54 15.11 -23.55
N VAL D 134 -33.67 15.71 -24.36
CA VAL D 134 -33.87 15.74 -25.80
C VAL D 134 -33.67 14.35 -26.40
N SER D 139 -25.99 8.12 -24.15
CA SER D 139 -25.17 8.42 -22.98
C SER D 139 -24.34 9.68 -23.20
N VAL D 140 -24.37 10.59 -22.24
CA VAL D 140 -23.71 11.89 -22.38
C VAL D 140 -22.72 12.14 -21.24
N TYR D 141 -21.61 12.77 -21.55
CA TYR D 141 -20.64 13.14 -20.52
C TYR D 141 -19.84 14.38 -20.94
N TYR D 142 -19.53 15.22 -19.96
CA TYR D 142 -18.71 16.41 -20.17
C TYR D 142 -17.77 16.63 -18.99
N PHE D 143 -16.62 17.25 -19.24
CA PHE D 143 -15.71 17.67 -18.20
C PHE D 143 -15.96 19.12 -17.88
N SER D 144 -15.81 19.50 -16.61
CA SER D 144 -15.89 20.90 -16.22
C SER D 144 -14.89 21.15 -15.10
N LEU D 145 -14.56 22.41 -14.88
CA LEU D 145 -13.63 22.76 -13.83
C LEU D 145 -14.28 22.62 -12.45
N ASN D 146 -13.56 21.99 -11.54
CA ASN D 146 -13.97 21.90 -10.14
C ASN D 146 -13.46 23.13 -9.40
N HIS D 147 -14.33 24.12 -9.20
CA HIS D 147 -13.94 25.38 -8.58
C HIS D 147 -13.72 25.27 -7.07
N ASP D 148 -14.33 24.26 -6.44
CA ASP D 148 -14.19 24.05 -5.01
C ASP D 148 -12.84 23.45 -4.65
N ASN D 149 -12.22 22.76 -5.61
CA ASN D 149 -10.95 22.07 -5.38
C ASN D 149 -10.02 22.29 -6.57
N PRO D 150 -9.31 23.43 -6.57
CA PRO D 150 -8.53 23.87 -7.74
C PRO D 150 -7.54 22.81 -8.22
N GLY D 151 -7.57 22.50 -9.51
CA GLY D 151 -6.68 21.49 -10.08
C GLY D 151 -7.39 20.18 -10.35
N TRP D 152 -8.72 20.17 -10.18
CA TRP D 152 -9.52 18.99 -10.46
C TRP D 152 -10.58 19.31 -11.50
N PHE D 153 -11.07 18.28 -12.18
CA PHE D 153 -12.20 18.41 -13.10
C PHE D 153 -13.31 17.51 -12.60
N TYR D 154 -14.56 17.91 -12.85
CA TYR D 154 -15.68 16.99 -12.72
C TYR D 154 -15.86 16.26 -14.03
N LEU D 155 -16.28 15.01 -13.94
CA LEU D 155 -16.62 14.21 -15.11
C LEU D 155 -18.06 13.77 -14.92
N MET D 156 -19.00 14.60 -15.37
CA MET D 156 -20.42 14.32 -15.21
C MET D 156 -20.94 13.55 -16.41
N PHE D 157 -21.81 12.58 -16.17
CA PHE D 157 -22.37 11.77 -17.25
C PHE D 157 -23.67 11.08 -16.86
N LYS D 158 -24.50 10.81 -17.87
CA LYS D 158 -25.71 10.02 -17.70
C LYS D 158 -25.65 8.85 -18.68
N ILE D 159 -25.91 7.65 -18.17
CA ILE D 159 -25.92 6.47 -19.03
C ILE D 159 -27.00 6.66 -20.10
N ASN D 160 -28.13 7.21 -19.68
CA ASN D 160 -29.24 7.53 -20.57
C ASN D 160 -30.25 8.41 -19.87
N ALA D 161 -31.29 8.80 -20.59
CA ALA D 161 -32.31 9.70 -20.04
C ALA D 161 -32.83 9.22 -18.69
N ASN D 162 -32.85 7.91 -18.51
CA ASN D 162 -33.41 7.31 -17.29
C ASN D 162 -32.47 7.36 -16.09
N SER D 163 -31.21 6.99 -16.30
CA SER D 163 -30.25 6.86 -15.19
C SER D 163 -30.09 8.14 -14.38
N LYS D 164 -29.41 8.03 -13.25
CA LYS D 164 -29.10 9.19 -12.41
C LYS D 164 -27.88 9.90 -12.99
N LEU D 165 -27.57 11.08 -12.45
CA LEU D 165 -26.37 11.80 -12.88
C LEU D 165 -25.18 11.42 -12.02
N TYR D 166 -24.16 10.85 -12.64
CA TYR D 166 -22.95 10.45 -11.93
C TYR D 166 -21.82 11.46 -12.17
N THR D 167 -20.98 11.64 -11.17
CA THR D 167 -19.84 12.53 -11.28
C THR D 167 -18.58 11.88 -10.73
N TRP D 168 -17.61 11.65 -11.60
CA TRP D 168 -16.29 11.15 -11.18
C TRP D 168 -15.34 12.33 -11.14
N ASN D 169 -14.16 12.12 -10.56
CA ASN D 169 -13.19 13.19 -10.38
C ASN D 169 -11.88 12.93 -11.11
N VAL D 170 -11.39 13.93 -11.81
CA VAL D 170 -10.18 13.80 -12.60
C VAL D 170 -9.18 14.86 -12.17
N LYS D 171 -8.01 14.43 -11.72
CA LYS D 171 -7.01 15.39 -11.24
C LYS D 171 -6.05 15.81 -12.35
N LEU D 172 -5.85 17.11 -12.49
CA LEU D 172 -4.81 17.64 -13.36
C LEU D 172 -3.45 17.47 -12.69
N THR D 173 -2.58 16.68 -13.31
CA THR D 173 -1.20 16.54 -12.85
C THR D 173 -0.27 17.03 -13.95
N ASN D 174 1.01 17.16 -13.62
CA ASN D 174 2.00 17.66 -14.57
C ASN D 174 2.36 16.64 -15.65
N THR D 175 1.80 15.43 -15.54
CA THR D 175 2.04 14.40 -16.55
C THR D 175 0.77 13.95 -17.27
N GLY D 176 -0.40 14.35 -16.77
CA GLY D 176 -1.65 13.99 -17.41
C GLY D 176 -2.86 14.08 -16.50
N TYR D 177 -3.95 13.41 -16.88
CA TYR D 177 -5.20 13.46 -16.14
C TYR D 177 -5.43 12.14 -15.41
N PHE D 178 -5.45 12.19 -14.08
CA PHE D 178 -5.64 10.98 -13.28
C PHE D 178 -7.13 10.65 -13.09
N LEU D 179 -7.52 9.44 -13.50
CA LEU D 179 -8.90 8.98 -13.39
C LEU D 179 -8.95 7.53 -12.90
N VAL D 180 -9.57 7.32 -11.75
CA VAL D 180 -9.68 5.99 -11.15
C VAL D 180 -8.31 5.47 -10.69
N ASN D 181 -7.59 4.81 -11.60
CA ASN D 181 -6.29 4.23 -11.27
C ASN D 181 -5.32 4.34 -12.44
N TYR D 182 -5.40 5.44 -13.19
CA TYR D 182 -4.55 5.62 -14.36
C TYR D 182 -4.33 7.09 -14.67
N ASN D 183 -3.12 7.42 -15.10
CA ASN D 183 -2.76 8.79 -15.43
C ASN D 183 -2.66 8.98 -16.95
N TYR D 184 -3.75 9.43 -17.56
CA TYR D 184 -3.84 9.56 -19.01
C TYR D 184 -3.07 10.77 -19.53
N PRO D 185 -2.12 10.55 -20.44
CA PRO D 185 -1.25 11.62 -20.95
C PRO D 185 -1.95 12.60 -21.90
N SER D 186 -3.11 12.23 -22.42
CA SER D 186 -3.86 13.12 -23.32
C SER D 186 -5.36 13.05 -23.07
N VAL D 187 -6.08 14.06 -23.55
CA VAL D 187 -7.52 14.11 -23.39
C VAL D 187 -8.18 12.97 -24.16
N ILE D 188 -7.67 12.70 -25.36
CA ILE D 188 -8.22 11.64 -26.20
C ILE D 188 -8.11 10.29 -25.51
N GLN D 189 -6.95 10.02 -24.90
CA GLN D 189 -6.76 8.76 -24.21
C GLN D 189 -7.65 8.71 -22.97
N LEU D 190 -7.84 9.88 -22.36
CA LEU D 190 -8.69 9.99 -21.18
C LEU D 190 -10.13 9.63 -21.53
N CYS D 191 -10.62 10.17 -22.63
CA CYS D 191 -11.99 9.92 -23.06
C CYS D 191 -12.21 8.45 -23.43
N ASN D 192 -11.26 7.88 -24.17
CA ASN D 192 -11.35 6.48 -24.55
C ASN D 192 -11.30 5.58 -23.32
N GLY D 193 -10.53 6.02 -22.32
CA GLY D 193 -10.40 5.28 -21.09
C GLY D 193 -11.72 5.26 -20.34
N PHE D 194 -12.43 6.37 -20.38
CA PHE D 194 -13.71 6.49 -19.68
C PHE D 194 -14.76 5.65 -20.39
N LYS D 195 -14.81 5.74 -21.71
CA LYS D 195 -15.75 4.95 -22.50
C LYS D 195 -15.58 3.47 -22.21
N THR D 196 -14.34 3.06 -21.94
CA THR D 196 -14.04 1.67 -21.61
C THR D 196 -14.60 1.31 -20.24
N LEU D 197 -14.51 2.26 -19.31
CA LEU D 197 -15.02 2.04 -17.95
C LEU D 197 -16.54 1.89 -17.95
N LEU D 198 -17.17 2.26 -19.06
CA LEU D 198 -18.60 2.04 -19.22
C LEU D 198 -18.85 0.87 -20.16
S SO4 E . 28.60 2.60 -3.48
O1 SO4 E . 28.90 2.16 -2.11
O2 SO4 E . 27.52 1.79 -4.02
O3 SO4 E . 28.18 4.00 -3.44
O4 SO4 E . 29.79 2.46 -4.30
S SO4 F . 41.01 7.40 -0.96
O1 SO4 F . 40.38 6.79 0.20
O2 SO4 F . 40.87 6.50 -2.10
O3 SO4 F . 40.36 8.67 -1.26
O4 SO4 F . 42.42 7.64 -0.69
S SO4 G . 9.59 -20.19 -17.27
O1 SO4 G . 10.32 -20.21 -16.02
O2 SO4 G . 8.24 -20.72 -17.05
O3 SO4 G . 9.50 -18.83 -17.77
O4 SO4 G . 10.28 -21.03 -18.25
S SO4 H . 35.54 -10.12 2.91
O1 SO4 H . 36.37 -11.05 3.63
O2 SO4 H . 34.84 -10.83 1.84
O3 SO4 H . 34.56 -9.54 3.82
O4 SO4 H . 36.38 -9.07 2.34
S SO4 I . 45.05 6.35 5.06
O1 SO4 I . 45.61 5.27 5.86
O2 SO4 I . 43.80 6.80 5.66
O3 SO4 I . 45.99 7.47 5.03
O4 SO4 I . 44.82 5.89 3.70
S SO4 J . -23.18 -16.24 -5.55
O1 SO4 J . -23.64 -15.93 -4.20
O2 SO4 J . -23.72 -17.52 -6.00
O3 SO4 J . -23.64 -15.19 -6.46
O4 SO4 J . -21.72 -16.28 -5.57
S SO4 K . 8.23 -24.47 -11.06
O1 SO4 K . 7.82 -24.41 -9.66
O2 SO4 K . 7.37 -23.63 -11.89
O3 SO4 K . 9.60 -23.98 -11.17
O4 SO4 K . 8.16 -25.85 -11.53
S SO4 L . -36.44 -18.60 -7.21
O1 SO4 L . -36.51 -17.94 -5.91
O2 SO4 L . -37.77 -18.95 -7.65
O3 SO4 L . -35.81 -17.68 -8.16
O4 SO4 L . -35.66 -19.81 -7.09
S SO4 M . -23.98 -16.75 -21.33
O1 SO4 M . -22.82 -17.61 -21.13
O2 SO4 M . -25.11 -17.25 -20.55
O3 SO4 M . -23.66 -15.39 -20.92
O4 SO4 M . -24.35 -16.78 -22.73
S SO4 N . -41.05 -15.19 -12.22
O1 SO4 N . -40.27 -16.32 -11.74
O2 SO4 N . -42.42 -15.26 -11.70
O3 SO4 N . -40.43 -13.94 -11.80
O4 SO4 N . -41.09 -15.23 -13.68
S SO4 O . -16.80 8.99 25.64
O1 SO4 O . -18.01 8.40 26.23
O2 SO4 O . -17.05 9.34 24.25
O3 SO4 O . -16.43 10.17 26.40
O4 SO4 O . -15.70 8.01 25.70
S SO4 P . 0.06 30.42 2.44
O1 SO4 P . -1.14 30.99 3.05
O2 SO4 P . -0.29 29.80 1.17
O3 SO4 P . 1.04 31.47 2.24
O4 SO4 P . 0.61 29.40 3.33
#